data_9J6M
#
_entry.id   9J6M
#
_cell.length_a   84.551
_cell.length_b   57.346
_cell.length_c   110.476
_cell.angle_alpha   90.00
_cell.angle_beta   92.05
_cell.angle_gamma   90.00
#
_symmetry.space_group_name_H-M   'P 1 21 1'
#
loop_
_entity.id
_entity.type
_entity.pdbx_description
1 polymer 'Beta-D-galactofuranosidase 2'
2 non-polymer GLYCEROL
3 non-polymer 'TETRAETHYLENE GLYCOL'
4 non-polymer 'MAGNESIUM ION'
5 water water
#
_entity_poly.entity_id   1
_entity_poly.type   'polypeptide(L)'
_entity_poly.pdbx_seq_one_letter_code
;(MSE)GSSHHHHHHSAALEVLFQGPAPRAWTPKPSP(MSE)TTPWTDQVPVDNPLPEYPRPQLTRPDWANLNGIWDFAVT
SANAGQPATFPEQIRVPFVAESALSGIQRKITQNDKLWYKRTFTVPSNWNGRRVQLNFGASDWRTTVWVNGRQAGAVHSG
GYDAFSYDVTDLLTAGTNTLVVSVWDPTETGTQAVGKQRIRDVAPHPGGGILYTAASGIWQTVWLEPTAAAHVTRLDLVP
DPANSRLKVTVRGAGISGHQARVTVSTGGTTVGTATGPVGTEFTVPVPNPRLWTPEDPFLYDVRADPLSGGTTVDSVGSY
TG(MSE)RTIALASVGGHQRPVLNGKFVFQTGTLDQGYWPDGIYTAPTDAALRHDLQKHKDLGFN(MSE)VRKHIKVEPQ
RWFYWADRLGLLVWQD(MSE)PN(MSE)ERTPDAAARTQWEAEYDRIIDQHRSSPSLVLWVNQNEGWGQYDQARLADKVK
AYDPTRLVDN(MSE)SGVNCCGAVDGGNGDVVDHHVYVGPGTTVPSATRAAVLGEFGGLGFKVAGHEWYPGGGFSYEDQP
DLAHLNNRFVGLIDAIREVR(MSE)PRGLSASVHTEITDVENEVNGLLTYDRQVVKVDEARVRAANRALIDASRGTTAPL
TLPV
;
_entity_poly.pdbx_strand_id   A,B
#
# COMPACT_ATOMS: atom_id res chain seq x y z
N ALA A 22 -10.50 -25.61 27.15
CA ALA A 22 -10.00 -24.48 26.34
C ALA A 22 -9.81 -24.93 24.90
N PRO A 23 -10.18 -24.09 23.89
CA PRO A 23 -9.99 -24.46 22.50
C PRO A 23 -8.51 -24.38 22.13
N ARG A 24 -8.18 -25.03 21.01
CA ARG A 24 -6.87 -24.95 20.41
C ARG A 24 -6.59 -23.50 20.04
N ALA A 25 -5.46 -22.96 20.52
CA ALA A 25 -5.15 -21.55 20.34
C ALA A 25 -5.09 -21.24 18.85
N TRP A 26 -5.59 -20.05 18.49
CA TRP A 26 -5.64 -19.62 17.11
C TRP A 26 -4.22 -19.72 16.52
N THR A 27 -4.14 -20.34 15.33
CA THR A 27 -2.90 -20.58 14.61
C THR A 27 -2.97 -19.89 13.25
N PRO A 28 -2.09 -18.94 12.93
CA PRO A 28 -2.03 -18.41 11.56
C PRO A 28 -1.74 -19.54 10.58
N LYS A 29 -2.16 -19.36 9.34
CA LYS A 29 -1.91 -20.33 8.29
C LYS A 29 -1.12 -19.63 7.20
N PRO A 30 -0.09 -20.29 6.63
CA PRO A 30 0.58 -19.78 5.44
C PRO A 30 -0.43 -19.59 4.30
N SER A 31 -0.40 -18.41 3.71
CA SER A 31 -1.27 -18.09 2.59
C SER A 31 -0.71 -18.65 1.29
N PRO A 32 -1.58 -19.09 0.35
CA PRO A 32 -1.15 -19.56 -0.97
C PRO A 32 -0.31 -18.56 -1.75
N THR A 34 1.12 -14.17 -1.18
CA THR A 34 1.25 -13.05 -0.28
C THR A 34 0.87 -11.77 -1.04
N THR A 35 -0.23 -11.13 -0.61
CA THR A 35 -0.58 -9.81 -1.08
C THR A 35 0.20 -8.77 -0.28
N PRO A 36 0.27 -7.51 -0.75
CA PRO A 36 0.87 -6.46 0.05
C PRO A 36 0.34 -6.34 1.47
N TRP A 37 -0.86 -6.90 1.75
CA TRP A 37 -1.52 -6.69 3.04
C TRP A 37 -1.59 -7.95 3.89
N THR A 38 -1.20 -9.11 3.36
CA THR A 38 -1.45 -10.40 4.03
C THR A 38 -0.85 -10.39 5.44
N ASP A 39 0.43 -10.00 5.50
CA ASP A 39 1.17 -9.96 6.75
C ASP A 39 0.80 -8.77 7.65
N GLN A 40 -0.11 -7.86 7.27
CA GLN A 40 -0.48 -6.77 8.16
C GLN A 40 -1.92 -6.88 8.68
N VAL A 41 -2.49 -8.08 8.69
CA VAL A 41 -3.84 -8.23 9.17
C VAL A 41 -3.79 -8.38 10.69
N PRO A 42 -4.37 -7.46 11.47
CA PRO A 42 -4.38 -7.62 12.92
C PRO A 42 -5.00 -8.94 13.37
N VAL A 43 -4.51 -9.47 14.49
CA VAL A 43 -5.06 -10.70 15.04
C VAL A 43 -6.41 -10.40 15.70
N ASP A 44 -6.42 -9.46 16.65
CA ASP A 44 -7.59 -9.24 17.47
C ASP A 44 -8.54 -8.18 16.92
N ASN A 45 -8.07 -7.30 16.05
CA ASN A 45 -8.95 -6.24 15.55
C ASN A 45 -8.79 -6.10 14.04
N PRO A 46 -9.05 -7.16 13.24
CA PRO A 46 -9.02 -7.00 11.79
C PRO A 46 -10.22 -6.18 11.34
N LEU A 47 -10.04 -5.50 10.20
CA LEU A 47 -11.07 -4.70 9.54
C LEU A 47 -11.81 -3.79 10.52
N PRO A 48 -11.10 -2.84 11.14
CA PRO A 48 -11.68 -2.02 12.21
C PRO A 48 -12.56 -0.85 11.78
N GLU A 49 -12.61 -0.55 10.48
CA GLU A 49 -13.28 0.64 9.97
C GLU A 49 -14.81 0.50 10.04
N TYR A 50 -15.47 1.65 10.18
CA TYR A 50 -16.91 1.75 10.25
C TYR A 50 -17.54 1.06 9.05
N PRO A 51 -18.40 0.04 9.27
CA PRO A 51 -18.88 -0.82 8.19
C PRO A 51 -19.97 -0.24 7.28
N ARG A 52 -20.52 0.93 7.63
CA ARG A 52 -21.71 1.42 6.93
C ARG A 52 -21.59 2.93 6.72
N PRO A 53 -20.63 3.40 5.90
CA PRO A 53 -20.31 4.83 5.80
C PRO A 53 -21.41 5.75 5.30
N GLN A 54 -22.44 5.19 4.64
CA GLN A 54 -23.54 6.00 4.15
C GLN A 54 -24.74 6.05 5.11
N LEU A 55 -24.65 5.44 6.31
CA LEU A 55 -25.66 5.56 7.35
C LEU A 55 -24.99 5.43 8.72
N THR A 56 -24.59 6.55 9.33
CA THR A 56 -23.63 6.56 10.43
C THR A 56 -24.30 7.05 11.72
N ARG A 57 -23.85 6.45 12.81
CA ARG A 57 -24.01 6.99 14.16
C ARG A 57 -22.64 6.92 14.82
N PRO A 58 -22.36 7.77 15.81
CA PRO A 58 -21.01 7.78 16.41
C PRO A 58 -20.71 6.57 17.27
N ASP A 59 -21.74 5.94 17.84
CA ASP A 59 -21.52 4.89 18.81
C ASP A 59 -21.58 3.54 18.11
N TRP A 60 -20.59 2.68 18.37
CA TRP A 60 -20.59 1.33 17.85
C TRP A 60 -19.47 0.49 18.48
N ALA A 61 -19.53 -0.82 18.26
CA ALA A 61 -18.49 -1.74 18.72
C ALA A 61 -18.28 -2.84 17.69
N ASN A 62 -17.00 -3.09 17.40
CA ASN A 62 -16.61 -4.08 16.40
C ASN A 62 -16.40 -5.45 17.08
N LEU A 63 -17.06 -6.50 16.60
CA LEU A 63 -16.99 -7.85 17.17
C LEU A 63 -16.04 -8.76 16.37
N ASN A 64 -15.32 -8.19 15.41
CA ASN A 64 -14.33 -8.96 14.67
C ASN A 64 -13.22 -9.40 15.63
N GLY A 65 -12.47 -10.41 15.19
CA GLY A 65 -11.30 -10.88 15.93
C GLY A 65 -11.37 -12.38 16.14
N ILE A 66 -10.83 -12.88 17.24
CA ILE A 66 -10.69 -14.32 17.46
C ILE A 66 -11.90 -14.84 18.21
N TRP A 67 -12.65 -15.72 17.55
CA TRP A 67 -13.76 -16.44 18.13
C TRP A 67 -13.41 -17.92 18.28
N ASP A 68 -14.13 -18.57 19.21
CA ASP A 68 -14.08 -20.03 19.28
C ASP A 68 -14.86 -20.63 18.10
N PHE A 69 -14.44 -21.82 17.66
CA PHE A 69 -14.91 -22.37 16.41
C PHE A 69 -15.03 -23.88 16.43
N ALA A 70 -16.04 -24.39 15.73
CA ALA A 70 -16.25 -25.82 15.59
C ALA A 70 -16.91 -26.10 14.24
N VAL A 71 -16.59 -27.26 13.65
CA VAL A 71 -17.37 -27.72 12.52
C VAL A 71 -18.13 -28.99 12.92
N THR A 72 -19.45 -28.99 12.75
CA THR A 72 -20.29 -30.15 13.05
C THR A 72 -20.87 -30.66 11.74
N SER A 73 -21.67 -31.71 11.82
CA SER A 73 -22.52 -32.09 10.69
C SER A 73 -23.59 -31.02 10.51
N ALA A 74 -24.17 -30.99 9.28
CA ALA A 74 -25.09 -29.94 8.85
C ALA A 74 -26.29 -29.82 9.78
N ASN A 75 -26.77 -30.93 10.35
CA ASN A 75 -28.00 -30.92 11.15
C ASN A 75 -27.75 -31.03 12.66
N ALA A 76 -26.49 -30.89 13.10
CA ALA A 76 -26.12 -30.91 14.51
C ALA A 76 -26.57 -29.63 15.20
N GLY A 77 -26.98 -29.77 16.47
CA GLY A 77 -27.14 -28.63 17.35
C GLY A 77 -25.78 -28.13 17.83
N GLN A 78 -25.83 -27.14 18.70
CA GLN A 78 -24.62 -26.52 19.22
C GLN A 78 -23.74 -27.55 19.92
N PRO A 79 -22.42 -27.58 19.61
CA PRO A 79 -21.54 -28.53 20.27
C PRO A 79 -21.24 -28.12 21.69
N ALA A 80 -20.95 -29.12 22.51
CA ALA A 80 -20.64 -28.91 23.92
C ALA A 80 -19.26 -28.25 24.07
N THR A 81 -18.36 -28.57 23.12
CA THR A 81 -16.96 -28.11 23.09
C THR A 81 -16.71 -27.49 21.74
N PHE A 82 -16.09 -26.31 21.75
CA PHE A 82 -15.65 -25.64 20.55
C PHE A 82 -14.15 -25.85 20.51
N PRO A 83 -13.66 -26.76 19.66
CA PRO A 83 -12.27 -27.20 19.76
C PRO A 83 -11.20 -26.28 19.15
N GLU A 84 -11.61 -25.27 18.38
CA GLU A 84 -10.65 -24.47 17.65
C GLU A 84 -11.00 -23.00 17.79
N GLN A 85 -10.21 -22.18 17.11
CA GLN A 85 -10.45 -20.75 17.03
C GLN A 85 -10.31 -20.28 15.58
N ILE A 86 -11.07 -19.23 15.24
CA ILE A 86 -11.11 -18.65 13.92
C ILE A 86 -11.02 -17.13 14.04
N ARG A 87 -10.50 -16.50 12.97
CA ARG A 87 -10.49 -15.05 12.92
C ARG A 87 -11.65 -14.58 12.03
N VAL A 88 -12.65 -13.98 12.66
CA VAL A 88 -13.75 -13.30 11.98
C VAL A 88 -13.27 -11.94 11.52
N PRO A 89 -13.58 -11.48 10.27
CA PRO A 89 -14.54 -12.16 9.37
C PRO A 89 -13.98 -12.78 8.09
N PHE A 90 -13.13 -13.81 8.29
CA PHE A 90 -12.54 -14.54 7.20
C PHE A 90 -13.18 -15.91 7.14
N VAL A 91 -13.60 -16.31 5.94
CA VAL A 91 -14.28 -17.59 5.80
C VAL A 91 -13.31 -18.73 6.12
N ALA A 92 -13.89 -19.88 6.45
CA ALA A 92 -13.14 -21.07 6.89
C ALA A 92 -12.19 -21.60 5.81
N GLU A 93 -12.50 -21.34 4.54
CA GLU A 93 -11.65 -21.78 3.45
C GLU A 93 -10.37 -20.95 3.32
N SER A 94 -10.33 -19.78 3.92
CA SER A 94 -9.24 -18.84 3.68
C SER A 94 -8.09 -19.11 4.65
N ALA A 95 -6.86 -18.72 4.25
CA ALA A 95 -5.74 -18.79 5.15
C ALA A 95 -5.86 -17.78 6.30
N LEU A 96 -6.40 -16.59 6.01
CA LEU A 96 -6.51 -15.53 7.00
C LEU A 96 -7.40 -15.91 8.20
N SER A 97 -8.34 -16.84 7.98
CA SER A 97 -9.17 -17.33 9.07
C SER A 97 -8.36 -18.04 10.17
N GLY A 98 -7.23 -18.62 9.78
CA GLY A 98 -6.47 -19.50 10.65
C GLY A 98 -7.01 -20.93 10.62
N ILE A 99 -7.98 -21.22 9.75
CA ILE A 99 -8.55 -22.55 9.66
C ILE A 99 -8.14 -23.18 8.33
N GLN A 100 -8.58 -22.57 7.21
CA GLN A 100 -8.22 -22.98 5.85
C GLN A 100 -8.60 -24.42 5.56
N ARG A 101 -9.90 -24.70 5.59
CA ARG A 101 -10.42 -26.04 5.35
C ARG A 101 -11.61 -25.98 4.39
N LYS A 102 -11.74 -27.02 3.57
CA LYS A 102 -12.88 -27.20 2.69
C LYS A 102 -14.13 -27.46 3.53
N ILE A 103 -15.21 -26.74 3.18
CA ILE A 103 -16.48 -26.85 3.87
C ILE A 103 -17.51 -27.34 2.85
N THR A 104 -18.14 -28.49 3.13
CA THR A 104 -19.12 -29.09 2.24
C THR A 104 -20.52 -28.82 2.76
N GLN A 105 -21.51 -29.27 1.98
CA GLN A 105 -22.90 -29.14 2.35
C GLN A 105 -23.29 -30.04 3.54
N ASN A 106 -22.43 -31.01 3.90
CA ASN A 106 -22.71 -31.90 5.02
C ASN A 106 -22.14 -31.36 6.34
N ASP A 107 -21.55 -30.16 6.27
CA ASP A 107 -20.94 -29.50 7.41
C ASP A 107 -21.78 -28.29 7.85
N LYS A 108 -21.48 -27.81 9.05
CA LYS A 108 -22.04 -26.58 9.56
C LYS A 108 -20.99 -25.94 10.48
N LEU A 109 -20.79 -24.62 10.31
CA LEU A 109 -19.85 -23.85 11.07
C LEU A 109 -20.53 -23.29 12.33
N TRP A 110 -19.79 -23.36 13.45
CA TRP A 110 -20.17 -22.79 14.72
C TRP A 110 -19.10 -21.82 15.22
N TYR A 111 -19.59 -20.64 15.58
CA TYR A 111 -18.77 -19.57 16.11
C TYR A 111 -19.30 -19.20 17.49
N LYS A 112 -18.39 -18.86 18.39
CA LYS A 112 -18.76 -18.40 19.72
C LYS A 112 -17.76 -17.39 20.23
N ARG A 113 -18.27 -16.29 20.81
CA ARG A 113 -17.36 -15.42 21.55
C ARG A 113 -18.11 -14.78 22.70
N THR A 114 -17.34 -14.27 23.67
CA THR A 114 -17.94 -13.41 24.68
C THR A 114 -17.77 -11.94 24.28
N PHE A 115 -18.65 -11.08 24.80
CA PHE A 115 -18.55 -9.66 24.51
C PHE A 115 -19.24 -8.88 25.62
N THR A 116 -18.87 -7.60 25.74
CA THR A 116 -19.54 -6.70 26.67
C THR A 116 -20.13 -5.56 25.87
N VAL A 117 -21.14 -4.92 26.44
CA VAL A 117 -21.75 -3.75 25.84
C VAL A 117 -21.31 -2.52 26.63
N PRO A 118 -20.79 -1.46 25.96
CA PRO A 118 -20.43 -0.21 26.64
C PRO A 118 -21.55 0.30 27.55
N SER A 119 -21.22 0.62 28.81
CA SER A 119 -22.26 0.96 29.77
C SER A 119 -22.98 2.28 29.43
N ASN A 120 -22.34 3.14 28.65
CA ASN A 120 -22.94 4.41 28.23
C ASN A 120 -24.09 4.18 27.23
N TRP A 121 -24.31 2.95 26.78
CA TRP A 121 -25.45 2.65 25.90
C TRP A 121 -26.72 2.29 26.68
N ASN A 122 -26.62 2.25 28.01
CA ASN A 122 -27.75 1.95 28.88
C ASN A 122 -28.94 2.81 28.48
N GLY A 123 -30.13 2.20 28.33
CA GLY A 123 -31.36 2.92 28.01
C GLY A 123 -31.62 3.00 26.50
N ARG A 124 -30.70 2.46 25.69
CA ARG A 124 -30.91 2.34 24.26
C ARG A 124 -31.09 0.88 23.89
N ARG A 125 -31.76 0.65 22.75
CA ARG A 125 -31.77 -0.66 22.10
C ARG A 125 -30.34 -0.94 21.63
N VAL A 126 -30.01 -2.23 21.57
CA VAL A 126 -28.74 -2.69 21.07
C VAL A 126 -28.99 -3.57 19.84
N GLN A 127 -28.39 -3.17 18.71
CA GLN A 127 -28.57 -3.92 17.48
C GLN A 127 -27.29 -4.67 17.17
N LEU A 128 -27.46 -5.93 16.77
CA LEU A 128 -26.37 -6.78 16.34
C LEU A 128 -26.45 -6.88 14.82
N ASN A 129 -25.36 -6.45 14.16
CA ASN A 129 -25.32 -6.22 12.72
C ASN A 129 -24.33 -7.19 12.08
N PHE A 130 -24.81 -7.93 11.06
CA PHE A 130 -23.97 -8.73 10.18
C PHE A 130 -23.95 -8.13 8.78
N GLY A 131 -22.77 -7.79 8.27
CA GLY A 131 -22.65 -7.35 6.87
C GLY A 131 -23.00 -8.46 5.86
N ALA A 132 -22.57 -9.68 6.16
CA ALA A 132 -22.86 -10.81 5.30
C ALA A 132 -22.36 -12.08 5.97
N SER A 133 -23.10 -13.15 5.70
CA SER A 133 -22.78 -14.48 6.19
C SER A 133 -23.35 -15.52 5.21
N ASP A 134 -22.49 -16.41 4.66
CA ASP A 134 -22.89 -17.30 3.59
C ASP A 134 -23.01 -18.70 4.18
N TRP A 135 -24.19 -19.33 4.18
CA TRP A 135 -25.43 -18.90 3.52
C TRP A 135 -26.62 -18.77 4.47
N ARG A 136 -26.79 -19.72 5.39
CA ARG A 136 -27.92 -19.75 6.30
C ARG A 136 -27.42 -19.64 7.74
N THR A 137 -27.81 -18.53 8.40
CA THR A 137 -27.24 -18.09 9.66
C THR A 137 -28.30 -18.06 10.76
N THR A 138 -27.99 -18.72 11.87
CA THR A 138 -28.78 -18.69 13.10
C THR A 138 -27.92 -18.12 14.23
N VAL A 139 -28.55 -17.27 15.08
CA VAL A 139 -27.84 -16.50 16.11
C VAL A 139 -28.53 -16.70 17.46
N TRP A 140 -27.70 -17.01 18.48
CA TRP A 140 -28.12 -17.06 19.87
C TRP A 140 -27.31 -16.09 20.71
N VAL A 141 -28.00 -15.35 21.58
CA VAL A 141 -27.36 -14.48 22.57
C VAL A 141 -27.73 -15.02 23.95
N ASN A 142 -26.71 -15.34 24.75
CA ASN A 142 -26.91 -15.96 26.05
C ASN A 142 -27.90 -17.12 25.97
N GLY A 143 -27.83 -17.90 24.88
CA GLY A 143 -28.60 -19.12 24.78
C GLY A 143 -29.99 -18.92 24.23
N ARG A 144 -30.38 -17.68 23.89
CA ARG A 144 -31.71 -17.45 23.37
C ARG A 144 -31.58 -17.07 21.90
N GLN A 145 -32.45 -17.61 21.05
CA GLN A 145 -32.39 -17.28 19.63
C GLN A 145 -32.70 -15.80 19.40
N ALA A 146 -31.90 -15.09 18.59
CA ALA A 146 -32.03 -13.64 18.44
C ALA A 146 -33.17 -13.21 17.49
N GLY A 147 -33.61 -14.12 16.61
CA GLY A 147 -34.65 -13.85 15.65
C GLY A 147 -34.65 -14.90 14.57
N ALA A 148 -35.36 -14.64 13.48
CA ALA A 148 -35.50 -15.60 12.40
C ALA A 148 -34.13 -15.91 11.81
N VAL A 149 -34.00 -17.18 11.37
CA VAL A 149 -32.86 -17.63 10.59
C VAL A 149 -32.75 -16.77 9.33
N HIS A 150 -31.53 -16.30 9.03
CA HIS A 150 -31.29 -15.50 7.84
C HIS A 150 -30.70 -16.36 6.73
N SER A 151 -31.37 -16.40 5.57
CA SER A 151 -30.86 -17.07 4.38
C SER A 151 -30.48 -16.04 3.33
N GLY A 152 -29.23 -16.09 2.88
CA GLY A 152 -28.69 -15.20 1.85
C GLY A 152 -27.27 -14.81 2.22
N GLY A 153 -26.34 -14.93 1.26
CA GLY A 153 -24.92 -14.75 1.51
C GLY A 153 -24.40 -13.35 1.20
N TYR A 154 -25.26 -12.46 0.62
CA TYR A 154 -24.81 -11.21 0.07
C TYR A 154 -25.48 -9.99 0.68
N ASP A 155 -26.49 -10.17 1.55
CA ASP A 155 -27.22 -9.03 2.06
C ASP A 155 -26.98 -8.91 3.55
N ALA A 156 -26.89 -7.66 4.03
CA ALA A 156 -26.69 -7.39 5.45
C ALA A 156 -27.98 -7.67 6.22
N PHE A 157 -27.86 -8.01 7.52
CA PHE A 157 -29.03 -8.31 8.32
C PHE A 157 -28.69 -7.95 9.77
N SER A 158 -29.72 -7.85 10.61
CA SER A 158 -29.49 -7.43 11.97
C SER A 158 -30.59 -7.96 12.88
N TYR A 159 -30.30 -7.96 14.17
CA TYR A 159 -31.25 -8.35 15.21
C TYR A 159 -31.16 -7.38 16.38
N ASP A 160 -32.33 -7.08 16.94
CA ASP A 160 -32.41 -6.27 18.13
C ASP A 160 -32.28 -7.24 19.31
N VAL A 161 -31.13 -7.18 19.99
CA VAL A 161 -30.77 -8.18 21.00
C VAL A 161 -30.90 -7.62 22.43
N THR A 162 -31.47 -6.41 22.55
CA THR A 162 -31.58 -5.70 23.83
C THR A 162 -32.04 -6.61 24.97
N ASP A 163 -33.16 -7.29 24.78
CA ASP A 163 -33.81 -8.02 25.85
C ASP A 163 -33.00 -9.28 26.20
N LEU A 164 -32.03 -9.69 25.37
CA LEU A 164 -31.28 -10.92 25.62
C LEU A 164 -29.98 -10.69 26.38
N LEU A 165 -29.59 -9.43 26.54
CA LEU A 165 -28.29 -9.07 27.09
C LEU A 165 -28.30 -9.22 28.61
N THR A 166 -27.11 -9.32 29.19
CA THR A 166 -26.89 -9.14 30.62
C THR A 166 -25.91 -7.98 30.80
N ALA A 167 -25.75 -7.51 32.04
CA ALA A 167 -24.94 -6.34 32.29
C ALA A 167 -23.45 -6.66 32.29
N GLY A 168 -23.05 -7.93 32.33
CA GLY A 168 -21.61 -8.17 32.26
C GLY A 168 -21.20 -8.85 30.95
N THR A 169 -20.48 -9.97 31.10
CA THR A 169 -20.07 -10.76 29.96
C THR A 169 -21.30 -11.41 29.32
N ASN A 170 -21.37 -11.32 28.00
CA ASN A 170 -22.44 -11.99 27.27
C ASN A 170 -21.80 -13.03 26.35
N THR A 171 -22.59 -14.02 25.94
CA THR A 171 -22.11 -14.98 24.96
C THR A 171 -22.90 -14.83 23.66
N LEU A 172 -22.17 -14.83 22.54
CA LEU A 172 -22.76 -14.89 21.21
C LEU A 172 -22.35 -16.20 20.52
N VAL A 173 -23.37 -16.94 20.03
CA VAL A 173 -23.16 -18.14 19.25
C VAL A 173 -23.83 -17.95 17.88
N VAL A 174 -23.10 -18.32 16.82
CA VAL A 174 -23.65 -18.20 15.48
C VAL A 174 -23.40 -19.54 14.77
N SER A 175 -24.44 -20.15 14.18
CA SER A 175 -24.25 -21.26 13.25
C SER A 175 -24.42 -20.76 11.80
N VAL A 176 -23.61 -21.34 10.89
CA VAL A 176 -23.69 -21.02 9.48
C VAL A 176 -23.56 -22.29 8.64
N TRP A 177 -24.61 -22.54 7.84
CA TRP A 177 -24.64 -23.62 6.88
C TRP A 177 -24.51 -23.03 5.50
N ASP A 178 -23.67 -23.67 4.66
CA ASP A 178 -23.53 -23.24 3.28
C ASP A 178 -23.42 -24.46 2.39
N PRO A 179 -24.42 -24.72 1.52
CA PRO A 179 -24.35 -25.85 0.60
C PRO A 179 -23.55 -25.56 -0.67
N THR A 180 -23.14 -24.30 -0.84
CA THR A 180 -22.52 -23.82 -2.09
C THR A 180 -23.35 -24.35 -3.26
N GLU A 181 -22.71 -24.90 -4.32
CA GLU A 181 -23.43 -25.20 -5.56
C GLU A 181 -24.39 -26.40 -5.42
N THR A 182 -24.34 -27.17 -4.32
CA THR A 182 -25.30 -28.25 -4.12
C THR A 182 -26.69 -27.67 -3.83
N GLY A 183 -26.70 -26.40 -3.39
CA GLY A 183 -27.92 -25.69 -3.08
C GLY A 183 -28.48 -25.01 -4.33
N THR A 184 -29.66 -24.39 -4.16
CA THR A 184 -30.38 -23.73 -5.23
C THR A 184 -30.25 -22.20 -5.08
N GLN A 185 -29.35 -21.74 -4.20
CA GLN A 185 -29.23 -20.32 -3.89
C GLN A 185 -28.14 -19.61 -4.74
N ALA A 186 -28.16 -18.27 -4.68
CA ALA A 186 -27.17 -17.44 -5.32
C ALA A 186 -25.76 -17.78 -4.81
N VAL A 187 -24.84 -18.17 -5.73
CA VAL A 187 -23.53 -18.68 -5.38
C VAL A 187 -22.39 -17.98 -6.12
N GLY A 188 -22.67 -17.38 -7.28
CA GLY A 188 -21.60 -16.79 -8.09
C GLY A 188 -20.55 -17.84 -8.48
N LYS A 189 -19.26 -17.48 -8.30
CA LYS A 189 -18.10 -18.27 -8.74
C LYS A 189 -17.71 -19.38 -7.74
N GLN A 190 -18.38 -19.40 -6.59
CA GLN A 190 -18.00 -20.30 -5.50
C GLN A 190 -18.32 -21.75 -5.86
N ARG A 191 -17.32 -22.62 -5.66
CA ARG A 191 -17.53 -24.05 -5.77
C ARG A 191 -16.77 -24.78 -4.66
N ILE A 192 -17.36 -25.90 -4.19
CA ILE A 192 -16.69 -26.69 -3.17
C ILE A 192 -15.41 -27.27 -3.76
N ARG A 193 -14.27 -26.82 -3.23
CA ARG A 193 -12.96 -27.20 -3.76
C ARG A 193 -11.99 -27.40 -2.62
N ASP A 194 -11.03 -28.33 -2.80
CA ASP A 194 -9.86 -28.38 -1.94
C ASP A 194 -9.17 -27.03 -2.00
N VAL A 195 -8.65 -26.61 -0.84
CA VAL A 195 -8.28 -25.23 -0.67
C VAL A 195 -6.86 -25.00 -1.18
N ALA A 196 -6.02 -26.05 -1.30
CA ALA A 196 -4.66 -25.80 -1.76
C ALA A 196 -4.66 -25.47 -3.27
N PRO A 197 -3.77 -24.61 -3.77
CA PRO A 197 -3.61 -24.42 -5.21
C PRO A 197 -3.50 -25.74 -5.97
N HIS A 198 -4.23 -25.82 -7.07
CA HIS A 198 -4.33 -27.04 -7.86
C HIS A 198 -4.34 -26.66 -9.34
N PRO A 199 -3.99 -27.59 -10.25
CA PRO A 199 -4.20 -27.36 -11.68
C PRO A 199 -5.68 -27.31 -12.00
N GLY A 200 -6.03 -26.70 -13.13
CA GLY A 200 -7.41 -26.71 -13.59
C GLY A 200 -8.30 -25.81 -12.71
N GLY A 201 -9.62 -26.08 -12.80
CA GLY A 201 -10.66 -25.38 -12.05
C GLY A 201 -11.50 -24.45 -12.93
N GLY A 202 -10.99 -24.14 -14.13
CA GLY A 202 -11.63 -23.25 -15.09
C GLY A 202 -11.97 -21.88 -14.49
N ILE A 203 -13.20 -21.40 -14.74
CA ILE A 203 -13.59 -20.06 -14.37
C ILE A 203 -14.29 -20.05 -13.00
N LEU A 204 -14.23 -21.17 -12.27
CA LEU A 204 -14.89 -21.31 -10.98
C LEU A 204 -13.83 -21.49 -9.90
N TYR A 205 -14.10 -20.99 -8.68
CA TYR A 205 -13.03 -20.81 -7.71
C TYR A 205 -13.43 -21.35 -6.33
N THR A 206 -12.51 -21.20 -5.38
CA THR A 206 -12.68 -21.60 -3.99
C THR A 206 -13.97 -21.03 -3.41
N ALA A 207 -14.71 -21.86 -2.66
CA ALA A 207 -15.95 -21.47 -1.97
C ALA A 207 -15.68 -20.61 -0.75
N ALA A 208 -16.70 -19.83 -0.39
CA ALA A 208 -16.68 -18.96 0.77
C ALA A 208 -17.83 -19.32 1.70
N SER A 209 -17.51 -19.89 2.86
CA SER A 209 -18.50 -20.37 3.82
C SER A 209 -18.26 -19.67 5.15
N GLY A 210 -19.34 -19.07 5.69
CA GLY A 210 -19.35 -18.49 7.02
C GLY A 210 -19.43 -16.96 6.99
N ILE A 211 -18.99 -16.36 8.10
CA ILE A 211 -19.09 -14.91 8.30
C ILE A 211 -17.96 -14.25 7.53
N TRP A 212 -18.28 -13.39 6.54
CA TRP A 212 -17.23 -12.85 5.68
C TRP A 212 -17.18 -11.32 5.62
N GLN A 213 -18.04 -10.65 6.41
CA GLN A 213 -17.96 -9.21 6.64
C GLN A 213 -18.11 -8.91 8.13
N THR A 214 -17.77 -7.67 8.51
CA THR A 214 -17.70 -7.24 9.89
C THR A 214 -19.01 -7.55 10.63
N VAL A 215 -18.85 -8.04 11.89
CA VAL A 215 -19.94 -8.25 12.83
C VAL A 215 -19.78 -7.17 13.90
N TRP A 216 -20.88 -6.49 14.20
CA TRP A 216 -20.77 -5.32 15.07
C TRP A 216 -22.06 -5.02 15.79
N LEU A 217 -21.92 -4.13 16.78
CA LEU A 217 -23.00 -3.69 17.62
C LEU A 217 -23.18 -2.18 17.49
N GLU A 218 -24.44 -1.74 17.64
CA GLU A 218 -24.66 -0.32 17.81
C GLU A 218 -25.88 -0.08 18.68
N PRO A 219 -25.88 1.03 19.46
CA PRO A 219 -27.09 1.46 20.20
C PRO A 219 -27.98 2.39 19.38
N THR A 220 -29.30 2.21 19.50
CA THR A 220 -30.27 3.09 18.89
C THR A 220 -31.41 3.41 19.85
N ALA A 221 -32.11 4.53 19.64
CA ALA A 221 -33.41 4.68 20.26
C ALA A 221 -34.35 3.59 19.75
N ALA A 222 -35.44 3.33 20.47
CA ALA A 222 -36.40 2.35 20.00
C ALA A 222 -36.94 2.78 18.65
N ALA A 223 -37.26 4.08 18.55
CA ALA A 223 -37.72 4.68 17.31
C ALA A 223 -36.50 5.20 16.57
N HIS A 224 -36.13 4.54 15.44
CA HIS A 224 -34.86 4.86 14.83
C HIS A 224 -34.93 4.66 13.33
N VAL A 225 -34.01 5.31 12.62
CA VAL A 225 -33.84 5.18 11.19
C VAL A 225 -33.17 3.84 10.85
N THR A 226 -33.74 3.12 9.87
CA THR A 226 -33.15 1.87 9.41
C THR A 226 -32.65 2.03 7.98
N ARG A 227 -33.09 3.04 7.26
CA ARG A 227 -32.79 3.12 5.85
C ARG A 227 -32.99 4.55 5.39
N LEU A 228 -32.10 5.03 4.50
CA LEU A 228 -32.19 6.36 3.94
C LEU A 228 -32.07 6.22 2.42
N ASP A 229 -33.13 6.57 1.70
CA ASP A 229 -33.10 6.54 0.24
C ASP A 229 -32.86 7.96 -0.27
N LEU A 230 -31.66 8.19 -0.82
CA LEU A 230 -31.28 9.50 -1.36
C LEU A 230 -31.20 9.39 -2.88
N VAL A 231 -32.08 10.12 -3.58
CA VAL A 231 -32.19 10.04 -5.04
C VAL A 231 -31.96 11.42 -5.63
N PRO A 232 -30.77 11.70 -6.20
CA PRO A 232 -30.47 13.00 -6.81
C PRO A 232 -31.44 13.39 -7.91
N ASP A 233 -31.84 14.67 -7.89
CA ASP A 233 -32.63 15.32 -8.94
C ASP A 233 -31.98 16.66 -9.26
N PRO A 234 -30.72 16.66 -9.73
CA PRO A 234 -29.99 17.90 -10.01
C PRO A 234 -30.61 18.81 -11.07
N ALA A 235 -31.37 18.24 -12.02
CA ALA A 235 -32.05 19.06 -13.03
C ALA A 235 -33.08 19.98 -12.36
N ASN A 236 -33.55 19.60 -11.17
CA ASN A 236 -34.48 20.43 -10.43
C ASN A 236 -33.78 21.01 -9.21
N SER A 237 -32.46 20.98 -9.18
CA SER A 237 -31.73 21.55 -8.06
C SER A 237 -32.26 21.04 -6.72
N ARG A 238 -32.46 19.73 -6.60
CA ARG A 238 -32.91 19.17 -5.33
C ARG A 238 -32.48 17.70 -5.17
N LEU A 239 -32.67 17.19 -3.94
CA LEU A 239 -32.40 15.82 -3.54
C LEU A 239 -33.71 15.22 -3.04
N LYS A 240 -34.13 14.13 -3.64
CA LYS A 240 -35.31 13.42 -3.17
C LYS A 240 -34.87 12.49 -2.03
N VAL A 241 -35.65 12.46 -0.96
CA VAL A 241 -35.24 11.64 0.18
C VAL A 241 -36.45 10.93 0.74
N THR A 242 -36.25 9.64 1.06
CA THR A 242 -37.19 8.91 1.88
C THR A 242 -36.47 8.40 3.12
N VAL A 243 -36.97 8.83 4.29
CA VAL A 243 -36.49 8.35 5.57
C VAL A 243 -37.37 7.19 6.00
N ARG A 244 -36.74 6.09 6.40
CA ARG A 244 -37.47 4.89 6.79
C ARG A 244 -36.91 4.34 8.09
N GLY A 245 -37.79 3.69 8.86
CA GLY A 245 -37.26 3.01 10.02
C GLY A 245 -38.29 2.32 10.88
N ALA A 246 -37.88 2.12 12.13
CA ALA A 246 -38.66 1.36 13.09
C ALA A 246 -39.36 2.35 14.01
N GLY A 247 -40.69 2.30 14.03
CA GLY A 247 -41.49 3.07 14.98
C GLY A 247 -41.54 4.56 14.67
N ILE A 248 -41.11 4.99 13.49
CA ILE A 248 -41.05 6.42 13.20
C ILE A 248 -42.07 6.80 12.11
N SER A 249 -42.91 5.83 11.68
CA SER A 249 -43.88 6.11 10.61
C SER A 249 -44.88 7.20 11.01
N GLY A 250 -45.11 7.44 12.30
CA GLY A 250 -45.99 8.56 12.62
C GLY A 250 -45.38 9.95 12.43
N HIS A 251 -44.10 10.06 12.06
CA HIS A 251 -43.31 11.23 12.40
C HIS A 251 -42.89 12.04 11.17
N GLN A 252 -42.54 13.30 11.41
CA GLN A 252 -41.79 14.09 10.44
C GLN A 252 -40.29 13.77 10.59
N ALA A 253 -39.52 14.17 9.60
CA ALA A 253 -38.08 14.11 9.74
C ALA A 253 -37.49 15.35 9.08
N ARG A 254 -36.42 15.88 9.66
CA ARG A 254 -35.64 16.93 9.03
C ARG A 254 -34.41 16.32 8.36
N VAL A 255 -34.20 16.71 7.10
CA VAL A 255 -33.05 16.31 6.34
C VAL A 255 -32.31 17.55 5.87
N THR A 256 -30.99 17.53 6.09
CA THR A 256 -30.12 18.66 5.79
C THR A 256 -28.99 18.21 4.87
N VAL A 257 -28.75 18.98 3.81
CA VAL A 257 -27.61 18.79 2.93
C VAL A 257 -26.59 19.89 3.22
N SER A 258 -25.30 19.54 3.31
CA SER A 258 -24.23 20.47 3.64
C SER A 258 -22.94 20.09 2.95
N THR A 259 -22.00 21.05 2.92
CA THR A 259 -20.62 20.75 2.58
C THR A 259 -19.71 21.58 3.49
N GLY A 260 -18.74 20.92 4.13
CA GLY A 260 -17.97 21.53 5.20
C GLY A 260 -18.93 22.11 6.25
N GLY A 261 -18.75 23.37 6.62
CA GLY A 261 -19.68 24.02 7.54
C GLY A 261 -20.92 24.63 6.88
N THR A 262 -21.02 24.64 5.54
CA THR A 262 -22.12 25.33 4.86
C THR A 262 -23.33 24.42 4.76
N THR A 263 -24.48 24.92 5.22
CA THR A 263 -25.77 24.30 4.95
C THR A 263 -26.18 24.69 3.54
N VAL A 264 -26.37 23.70 2.67
CA VAL A 264 -26.83 23.92 1.32
C VAL A 264 -28.36 23.97 1.26
N GLY A 265 -29.00 23.11 2.06
CA GLY A 265 -30.44 23.02 2.04
C GLY A 265 -30.96 22.16 3.17
N THR A 266 -32.21 22.44 3.56
CA THR A 266 -32.88 21.71 4.62
C THR A 266 -34.38 21.67 4.31
N ALA A 267 -35.04 20.58 4.72
CA ALA A 267 -36.48 20.45 4.59
C ALA A 267 -36.94 19.49 5.66
N THR A 268 -38.19 19.64 6.08
CA THR A 268 -38.82 18.70 7.00
C THR A 268 -39.93 18.03 6.22
N GLY A 269 -40.05 16.71 6.31
CA GLY A 269 -41.13 16.05 5.61
C GLY A 269 -41.53 14.75 6.29
N PRO A 270 -42.53 14.06 5.74
CA PRO A 270 -43.02 12.83 6.37
C PRO A 270 -42.05 11.65 6.22
N VAL A 271 -41.88 10.91 7.31
CA VAL A 271 -41.20 9.63 7.26
C VAL A 271 -41.96 8.69 6.35
N GLY A 272 -41.23 7.94 5.52
CA GLY A 272 -41.82 6.87 4.76
C GLY A 272 -42.42 7.32 3.44
N THR A 273 -42.34 8.61 3.12
CA THR A 273 -42.86 9.16 1.88
C THR A 273 -41.80 10.09 1.31
N GLU A 274 -41.53 10.01 0.00
CA GLU A 274 -40.48 10.80 -0.63
C GLU A 274 -40.77 12.31 -0.52
N PHE A 275 -39.79 13.13 -0.11
CA PHE A 275 -39.93 14.58 -0.25
C PHE A 275 -38.60 15.13 -0.78
N THR A 276 -38.47 16.45 -0.95
CA THR A 276 -37.25 16.98 -1.54
C THR A 276 -36.63 18.01 -0.62
N VAL A 277 -35.30 18.10 -0.74
CA VAL A 277 -34.44 19.07 -0.08
C VAL A 277 -33.77 19.86 -1.20
N PRO A 278 -33.78 21.20 -1.10
CA PRO A 278 -33.07 22.02 -2.07
C PRO A 278 -31.56 21.80 -2.09
N VAL A 279 -30.99 21.77 -3.30
CA VAL A 279 -29.54 21.75 -3.49
C VAL A 279 -29.20 22.75 -4.59
N PRO A 280 -29.20 24.06 -4.28
CA PRO A 280 -29.02 25.10 -5.30
C PRO A 280 -27.65 25.01 -5.94
N ASN A 281 -27.61 25.33 -7.24
CA ASN A 281 -26.36 25.37 -8.00
C ASN A 281 -25.54 24.10 -7.72
N PRO A 282 -26.09 22.90 -7.94
CA PRO A 282 -25.41 21.70 -7.46
C PRO A 282 -24.11 21.35 -8.17
N ARG A 283 -23.10 21.01 -7.39
CA ARG A 283 -21.87 20.49 -7.93
C ARG A 283 -22.06 19.00 -8.19
N LEU A 284 -21.98 18.64 -9.46
CA LEU A 284 -22.40 17.31 -9.90
C LEU A 284 -21.29 16.31 -9.57
N TRP A 285 -21.73 15.07 -9.30
CA TRP A 285 -20.83 13.93 -9.18
C TRP A 285 -20.58 13.34 -10.56
N THR A 286 -19.30 13.22 -10.91
CA THR A 286 -18.85 12.43 -12.04
C THR A 286 -17.62 11.63 -11.61
N PRO A 287 -17.22 10.63 -12.40
CA PRO A 287 -15.93 10.00 -12.15
C PRO A 287 -14.72 10.95 -12.08
N GLU A 288 -14.75 12.02 -12.87
CA GLU A 288 -13.69 13.02 -12.93
C GLU A 288 -13.73 13.87 -11.65
N ASP A 289 -14.92 14.24 -11.17
CA ASP A 289 -15.08 15.08 -9.97
C ASP A 289 -16.15 14.46 -9.08
N PRO A 290 -15.80 13.42 -8.29
CA PRO A 290 -16.79 12.70 -7.49
C PRO A 290 -17.15 13.41 -6.20
N PHE A 291 -17.72 14.61 -6.34
CA PHE A 291 -18.07 15.45 -5.21
C PHE A 291 -19.22 14.84 -4.40
N LEU A 292 -19.03 14.77 -3.07
CA LEU A 292 -20.00 14.23 -2.15
C LEU A 292 -20.43 15.33 -1.19
N TYR A 293 -21.75 15.61 -1.15
CA TYR A 293 -22.34 16.43 -0.10
C TYR A 293 -22.62 15.57 1.13
N ASP A 294 -22.48 16.17 2.31
CA ASP A 294 -22.95 15.58 3.56
C ASP A 294 -24.47 15.69 3.61
N VAL A 295 -25.07 14.69 4.25
CA VAL A 295 -26.51 14.59 4.46
C VAL A 295 -26.72 14.16 5.92
N ARG A 296 -27.69 14.78 6.62
CA ARG A 296 -28.06 14.33 7.96
C ARG A 296 -29.56 14.17 8.01
N ALA A 297 -30.08 13.14 8.70
CA ALA A 297 -31.51 12.90 8.78
C ALA A 297 -31.89 12.65 10.23
N ASP A 298 -32.90 13.39 10.71
CA ASP A 298 -33.32 13.31 12.09
C ASP A 298 -34.85 13.14 12.16
N PRO A 299 -35.41 11.96 12.46
CA PRO A 299 -36.85 11.87 12.75
C PRO A 299 -37.16 12.74 13.97
N LEU A 300 -38.34 13.34 13.96
CA LEU A 300 -38.72 14.35 14.94
C LEU A 300 -40.02 13.92 15.61
N SER A 301 -40.11 14.28 16.90
CA SER A 301 -41.39 14.32 17.59
C SER A 301 -41.58 15.75 18.05
N GLY A 302 -42.47 16.48 17.36
CA GLY A 302 -42.54 17.92 17.47
C GLY A 302 -41.21 18.55 17.05
N GLY A 303 -40.47 19.06 18.04
CA GLY A 303 -39.18 19.65 17.77
C GLY A 303 -38.05 18.81 18.36
N THR A 304 -38.39 17.61 18.83
CA THR A 304 -37.46 16.78 19.58
C THR A 304 -36.91 15.72 18.62
N THR A 305 -35.58 15.65 18.50
CA THR A 305 -34.90 14.66 17.68
C THR A 305 -35.00 13.32 18.40
N VAL A 306 -35.45 12.27 17.71
CA VAL A 306 -35.60 10.95 18.29
C VAL A 306 -34.38 10.07 17.94
N ASP A 307 -33.75 10.37 16.81
CA ASP A 307 -32.56 9.70 16.33
C ASP A 307 -31.93 10.63 15.31
N SER A 308 -30.66 10.39 14.98
CA SER A 308 -29.96 11.18 14.00
C SER A 308 -28.92 10.28 13.33
N VAL A 309 -28.96 10.27 11.98
CA VAL A 309 -27.99 9.55 11.18
C VAL A 309 -27.27 10.49 10.21
N GLY A 310 -26.00 10.19 10.00
CA GLY A 310 -25.16 10.83 8.99
C GLY A 310 -25.13 10.06 7.67
N SER A 311 -25.02 10.77 6.55
CA SER A 311 -24.97 10.16 5.23
C SER A 311 -24.27 11.11 4.27
N TYR A 312 -24.40 10.78 2.98
CA TYR A 312 -23.82 11.60 1.93
C TYR A 312 -24.54 11.25 0.63
N THR A 313 -24.38 12.14 -0.36
CA THR A 313 -24.88 11.89 -1.69
C THR A 313 -23.91 12.49 -2.71
N GLY A 314 -23.89 11.88 -3.90
CA GLY A 314 -23.32 12.53 -5.06
C GLY A 314 -24.44 12.86 -6.04
N ARG A 316 -26.02 13.15 -9.15
CA ARG A 316 -25.80 12.60 -10.48
C ARG A 316 -27.07 11.91 -10.93
N THR A 317 -27.26 11.79 -12.26
CA THR A 317 -28.34 10.97 -12.78
C THR A 317 -27.77 10.07 -13.87
N ILE A 318 -28.45 8.95 -14.11
CA ILE A 318 -28.21 8.09 -15.24
C ILE A 318 -29.57 7.77 -15.89
N ALA A 319 -29.59 7.72 -17.21
CA ALA A 319 -30.78 7.44 -17.99
C ALA A 319 -30.35 7.08 -19.41
N LEU A 320 -31.32 6.70 -20.23
CA LEU A 320 -31.11 6.55 -21.66
C LEU A 320 -31.57 7.82 -22.37
N ALA A 321 -30.91 8.16 -23.47
CA ALA A 321 -31.40 9.19 -24.36
C ALA A 321 -30.88 8.93 -25.77
N SER A 322 -31.57 9.57 -26.72
CA SER A 322 -31.13 9.55 -28.10
C SER A 322 -30.14 10.68 -28.33
N VAL A 323 -28.90 10.33 -28.66
CA VAL A 323 -27.82 11.29 -28.82
C VAL A 323 -27.12 11.01 -30.16
N GLY A 324 -27.15 12.01 -31.05
CA GLY A 324 -26.52 11.85 -32.35
C GLY A 324 -27.02 10.61 -33.11
N GLY A 325 -28.30 10.29 -33.00
CA GLY A 325 -28.88 9.17 -33.74
C GLY A 325 -28.76 7.81 -33.04
N HIS A 326 -28.17 7.71 -31.83
CA HIS A 326 -28.10 6.41 -31.17
C HIS A 326 -28.66 6.51 -29.75
N GLN A 327 -29.29 5.45 -29.28
CA GLN A 327 -29.63 5.34 -27.87
C GLN A 327 -28.33 5.21 -27.09
N ARG A 328 -28.18 6.08 -26.10
CA ARG A 328 -26.97 6.08 -25.29
C ARG A 328 -27.31 6.20 -23.81
N PRO A 329 -26.47 5.64 -22.94
CA PRO A 329 -26.57 6.00 -21.51
C PRO A 329 -26.02 7.39 -21.26
N VAL A 330 -26.78 8.25 -20.58
CA VAL A 330 -26.35 9.61 -20.36
C VAL A 330 -26.26 9.83 -18.85
N LEU A 331 -25.07 10.30 -18.45
CA LEU A 331 -24.74 10.68 -17.09
C LEU A 331 -24.93 12.20 -17.00
N ASN A 332 -25.78 12.61 -16.07
CA ASN A 332 -26.10 14.02 -15.86
C ASN A 332 -26.49 14.64 -17.20
N GLY A 333 -27.24 13.86 -18.01
CA GLY A 333 -27.85 14.33 -19.24
C GLY A 333 -26.90 14.29 -20.44
N LYS A 334 -25.63 13.88 -20.27
CA LYS A 334 -24.70 13.81 -21.37
C LYS A 334 -24.12 12.40 -21.53
N PHE A 335 -23.93 11.98 -22.79
CA PHE A 335 -23.22 10.73 -23.05
C PHE A 335 -21.72 10.84 -22.74
N VAL A 336 -21.26 9.84 -21.96
CA VAL A 336 -19.84 9.57 -21.79
C VAL A 336 -19.67 8.06 -21.90
N PHE A 337 -18.68 7.63 -22.65
CA PHE A 337 -18.41 6.20 -22.83
C PHE A 337 -17.96 5.64 -21.49
N GLN A 338 -18.49 4.47 -21.10
CA GLN A 338 -18.10 3.81 -19.86
C GLN A 338 -17.09 2.71 -20.17
N THR A 339 -15.80 2.99 -19.90
CA THR A 339 -14.73 2.04 -20.13
C THR A 339 -14.33 1.48 -18.76
N GLY A 340 -14.64 0.20 -18.58
CA GLY A 340 -14.45 -0.44 -17.30
C GLY A 340 -13.74 -1.79 -17.39
N THR A 341 -13.58 -2.43 -16.22
CA THR A 341 -13.03 -3.78 -16.12
C THR A 341 -14.02 -4.61 -15.34
N LEU A 342 -13.88 -5.93 -15.54
CA LEU A 342 -14.54 -6.94 -14.73
C LEU A 342 -13.73 -7.16 -13.46
N ASP A 343 -14.44 -7.20 -12.33
CA ASP A 343 -13.79 -7.28 -11.04
C ASP A 343 -14.54 -8.34 -10.23
N GLN A 344 -13.92 -9.48 -10.00
CA GLN A 344 -14.60 -10.61 -9.37
C GLN A 344 -14.47 -10.59 -7.84
N GLY A 345 -13.61 -9.73 -7.30
CA GLY A 345 -13.57 -9.54 -5.85
C GLY A 345 -13.02 -10.75 -5.08
N TYR A 346 -12.07 -11.47 -5.70
CA TYR A 346 -11.45 -12.64 -5.11
C TYR A 346 -10.07 -12.27 -4.60
N TRP A 347 -9.69 -12.91 -3.48
CA TRP A 347 -8.40 -12.73 -2.82
C TRP A 347 -7.75 -14.07 -2.54
N PRO A 348 -6.43 -14.23 -2.79
CA PRO A 348 -5.81 -15.53 -2.53
C PRO A 348 -5.70 -15.89 -1.05
N ASP A 349 -5.58 -14.85 -0.21
CA ASP A 349 -5.43 -14.94 1.23
C ASP A 349 -6.77 -14.96 1.95
N GLY A 350 -7.71 -14.10 1.50
CA GLY A 350 -9.00 -13.85 2.14
C GLY A 350 -10.21 -14.52 1.48
N ILE A 351 -10.01 -15.09 0.24
CA ILE A 351 -11.07 -15.60 -0.62
C ILE A 351 -12.07 -14.49 -0.92
N TYR A 352 -13.14 -14.34 -0.12
CA TYR A 352 -14.17 -13.35 -0.38
C TYR A 352 -13.95 -12.05 0.37
N THR A 353 -12.99 -12.02 1.29
CA THR A 353 -12.82 -10.87 2.19
C THR A 353 -11.45 -10.26 1.95
N ALA A 354 -11.42 -8.97 1.58
CA ALA A 354 -10.13 -8.32 1.37
C ALA A 354 -9.43 -8.20 2.72
N PRO A 355 -8.08 -8.38 2.80
CA PRO A 355 -7.39 -8.41 4.09
C PRO A 355 -7.49 -7.19 5.00
N THR A 356 -7.47 -6.02 4.36
CA THR A 356 -7.54 -4.72 5.02
C THR A 356 -8.40 -3.77 4.19
N ASP A 357 -8.79 -2.63 4.76
CA ASP A 357 -9.55 -1.65 4.01
C ASP A 357 -8.74 -1.07 2.86
N ALA A 358 -7.41 -0.98 3.03
CA ALA A 358 -6.52 -0.49 1.97
C ALA A 358 -6.51 -1.47 0.81
N ALA A 359 -6.60 -2.76 1.13
CA ALA A 359 -6.66 -3.79 0.10
C ALA A 359 -7.97 -3.67 -0.68
N LEU A 360 -9.06 -3.50 0.05
CA LEU A 360 -10.38 -3.39 -0.60
C LEU A 360 -10.41 -2.21 -1.57
N ARG A 361 -9.82 -1.10 -1.14
CA ARG A 361 -9.82 0.13 -1.91
C ARG A 361 -8.86 0.03 -3.11
N HIS A 362 -7.79 -0.79 -2.95
CA HIS A 362 -6.68 -0.84 -3.89
C HIS A 362 -7.16 -1.14 -5.30
N ASP A 363 -8.02 -2.16 -5.44
CA ASP A 363 -8.49 -2.58 -6.76
C ASP A 363 -9.22 -1.46 -7.50
N LEU A 364 -9.95 -0.62 -6.76
CA LEU A 364 -10.64 0.52 -7.32
C LEU A 364 -9.66 1.64 -7.65
N GLN A 365 -8.71 1.92 -6.76
CA GLN A 365 -7.66 2.88 -7.07
C GLN A 365 -6.94 2.52 -8.38
N LYS A 366 -6.70 1.24 -8.63
CA LYS A 366 -6.01 0.81 -9.85
C LYS A 366 -6.84 1.11 -11.09
N HIS A 367 -8.16 1.02 -10.97
CA HIS A 367 -9.02 1.45 -12.04
C HIS A 367 -8.72 2.91 -12.36
N LYS A 368 -8.65 3.78 -11.35
CA LYS A 368 -8.41 5.19 -11.57
C LYS A 368 -7.03 5.40 -12.21
N ASP A 369 -6.02 4.68 -11.70
CA ASP A 369 -4.65 4.80 -12.20
C ASP A 369 -4.56 4.43 -13.68
N LEU A 370 -5.37 3.50 -14.11
CA LEU A 370 -5.38 3.01 -15.50
C LEU A 370 -6.42 3.74 -16.38
N GLY A 371 -7.08 4.76 -15.85
CA GLY A 371 -7.94 5.64 -16.60
C GLY A 371 -9.34 5.08 -16.86
N PHE A 372 -9.73 3.95 -16.25
CA PHE A 372 -11.09 3.42 -16.38
C PHE A 372 -12.03 4.30 -15.60
N ASN A 373 -13.28 4.45 -16.06
CA ASN A 373 -14.24 5.24 -15.33
C ASN A 373 -15.38 4.36 -14.83
N VAL A 375 -16.51 0.11 -13.22
CA VAL A 375 -16.22 -1.26 -12.83
C VAL A 375 -17.49 -2.11 -12.83
N ARG A 376 -17.40 -3.34 -13.35
CA ARG A 376 -18.47 -4.33 -13.28
C ARG A 376 -18.09 -5.36 -12.22
N LYS A 377 -18.80 -5.33 -11.08
CA LYS A 377 -18.56 -6.26 -9.99
C LYS A 377 -19.29 -7.56 -10.33
N HIS A 378 -18.50 -8.60 -10.55
CA HIS A 378 -18.99 -9.78 -11.23
C HIS A 378 -19.52 -10.83 -10.22
N ILE A 379 -20.84 -11.10 -10.32
CA ILE A 379 -21.61 -12.12 -9.59
C ILE A 379 -21.14 -12.22 -8.14
N LYS A 380 -20.99 -11.07 -7.50
CA LYS A 380 -20.68 -10.94 -6.09
C LYS A 380 -21.08 -9.52 -5.65
N VAL A 381 -21.66 -9.37 -4.46
CA VAL A 381 -21.92 -8.06 -3.89
C VAL A 381 -20.92 -7.81 -2.78
N GLU A 382 -20.12 -6.75 -2.88
CA GLU A 382 -19.11 -6.43 -1.89
C GLU A 382 -19.73 -5.74 -0.68
N PRO A 383 -18.98 -5.62 0.44
CA PRO A 383 -19.44 -4.86 1.61
C PRO A 383 -19.70 -3.38 1.29
N GLN A 384 -20.46 -2.71 2.17
CA GLN A 384 -20.79 -1.31 1.99
C GLN A 384 -19.53 -0.44 1.83
N ARG A 385 -18.42 -0.78 2.51
CA ARG A 385 -17.23 0.03 2.38
C ARG A 385 -16.72 0.06 0.94
N TRP A 386 -16.93 -0.99 0.16
CA TRP A 386 -16.54 -1.01 -1.23
C TRP A 386 -17.32 0.02 -2.03
N PHE A 387 -18.63 0.09 -1.80
CA PHE A 387 -19.47 1.10 -2.45
C PHE A 387 -19.02 2.50 -2.06
N TYR A 388 -18.64 2.64 -0.78
CA TYR A 388 -18.11 3.90 -0.29
C TYR A 388 -16.89 4.32 -1.09
N TRP A 389 -15.96 3.39 -1.30
CA TRP A 389 -14.74 3.73 -2.00
C TRP A 389 -15.02 4.04 -3.48
N ALA A 390 -15.99 3.34 -4.12
CA ALA A 390 -16.37 3.67 -5.50
C ALA A 390 -16.98 5.08 -5.56
N ASP A 391 -17.84 5.39 -4.57
CA ASP A 391 -18.49 6.69 -4.44
C ASP A 391 -17.44 7.79 -4.32
N ARG A 392 -16.44 7.56 -3.47
CA ARG A 392 -15.44 8.57 -3.11
C ARG A 392 -14.35 8.69 -4.17
N LEU A 393 -13.92 7.59 -4.80
CA LEU A 393 -12.85 7.62 -5.79
C LEU A 393 -13.36 8.07 -7.14
N GLY A 394 -14.62 7.79 -7.43
CA GLY A 394 -15.19 8.21 -8.69
C GLY A 394 -15.13 7.11 -9.76
N LEU A 395 -15.92 6.07 -9.60
CA LEU A 395 -16.13 5.04 -10.62
C LEU A 395 -17.62 4.78 -10.73
N LEU A 396 -18.12 4.67 -11.96
CA LEU A 396 -19.42 4.11 -12.23
C LEU A 396 -19.34 2.62 -11.89
N VAL A 397 -20.42 2.13 -11.28
CA VAL A 397 -20.53 0.73 -10.88
C VAL A 397 -21.70 0.09 -11.60
N TRP A 398 -21.39 -1.07 -12.21
CA TRP A 398 -22.41 -2.02 -12.61
C TRP A 398 -22.36 -3.20 -11.63
N GLN A 399 -23.54 -3.51 -11.11
CA GLN A 399 -23.67 -4.51 -10.06
C GLN A 399 -24.39 -5.72 -10.61
N ASP A 400 -23.71 -6.86 -10.64
CA ASP A 400 -24.35 -8.12 -10.98
C ASP A 400 -25.07 -8.75 -9.78
N PRO A 402 -25.61 -12.02 -7.98
CA PRO A 402 -25.00 -13.36 -8.05
C PRO A 402 -26.03 -14.40 -8.53
N ASN A 403 -25.56 -15.28 -9.43
CA ASN A 403 -26.36 -16.28 -10.08
C ASN A 403 -26.48 -17.56 -9.25
N GLU A 405 -26.63 -21.79 -9.65
CA GLU A 405 -25.90 -22.74 -10.46
C GLU A 405 -26.78 -23.48 -11.46
N ARG A 406 -28.11 -23.54 -11.24
CA ARG A 406 -29.02 -24.25 -12.14
C ARG A 406 -30.44 -23.68 -12.07
N THR A 407 -31.26 -24.11 -13.05
CA THR A 407 -32.62 -23.60 -13.20
C THR A 407 -33.30 -23.71 -11.84
N PRO A 408 -33.84 -22.60 -11.30
CA PRO A 408 -34.48 -22.63 -10.01
C PRO A 408 -35.89 -23.23 -10.00
N ASP A 409 -36.21 -23.97 -8.96
CA ASP A 409 -37.58 -24.39 -8.70
C ASP A 409 -38.32 -23.29 -7.92
N ALA A 410 -39.60 -23.51 -7.56
CA ALA A 410 -40.46 -22.44 -7.07
C ALA A 410 -39.89 -21.74 -5.84
N ALA A 411 -39.46 -22.51 -4.83
CA ALA A 411 -38.95 -21.94 -3.59
C ALA A 411 -37.62 -21.20 -3.86
N ALA A 412 -36.83 -21.72 -4.81
CA ALA A 412 -35.54 -21.08 -5.13
C ALA A 412 -35.78 -19.73 -5.80
N ARG A 413 -36.83 -19.62 -6.61
CA ARG A 413 -37.16 -18.36 -7.25
C ARG A 413 -37.58 -17.33 -6.21
N THR A 414 -38.47 -17.72 -5.29
CA THR A 414 -38.89 -16.85 -4.20
C THR A 414 -37.67 -16.36 -3.43
N GLN A 415 -36.75 -17.27 -3.12
CA GLN A 415 -35.62 -16.91 -2.27
C GLN A 415 -34.64 -15.98 -2.98
N TRP A 416 -34.34 -16.27 -4.25
CA TRP A 416 -33.43 -15.44 -5.02
C TRP A 416 -34.00 -14.04 -5.20
N GLU A 417 -35.31 -13.95 -5.50
CA GLU A 417 -35.97 -12.66 -5.63
C GLU A 417 -35.99 -11.87 -4.32
N ALA A 418 -36.15 -12.56 -3.18
CA ALA A 418 -36.10 -11.92 -1.88
C ALA A 418 -34.71 -11.33 -1.59
N GLU A 419 -33.64 -12.07 -1.93
CA GLU A 419 -32.27 -11.64 -1.73
C GLU A 419 -32.01 -10.45 -2.64
N TYR A 420 -32.47 -10.51 -3.89
CA TYR A 420 -32.26 -9.42 -4.82
C TYR A 420 -32.97 -8.16 -4.31
N ASP A 421 -34.23 -8.28 -3.83
CA ASP A 421 -34.95 -7.13 -3.32
C ASP A 421 -34.17 -6.45 -2.19
N ARG A 422 -33.56 -7.25 -1.30
CA ARG A 422 -32.85 -6.70 -0.16
C ARG A 422 -31.58 -6.01 -0.62
N ILE A 423 -30.88 -6.60 -1.59
CA ILE A 423 -29.68 -5.99 -2.12
C ILE A 423 -29.99 -4.66 -2.81
N ILE A 424 -31.09 -4.61 -3.58
CA ILE A 424 -31.51 -3.35 -4.19
C ILE A 424 -31.82 -2.28 -3.12
N ASP A 425 -32.62 -2.66 -2.12
CA ASP A 425 -33.01 -1.78 -1.03
C ASP A 425 -31.82 -1.26 -0.21
N GLN A 426 -30.72 -2.00 -0.16
CA GLN A 426 -29.53 -1.65 0.61
C GLN A 426 -28.56 -0.75 -0.16
N HIS A 427 -28.83 -0.47 -1.43
CA HIS A 427 -27.88 0.27 -2.26
C HIS A 427 -28.52 1.47 -2.97
N ARG A 428 -29.72 1.87 -2.55
CA ARG A 428 -30.46 2.89 -3.25
C ARG A 428 -29.68 4.21 -3.37
N SER A 429 -28.85 4.54 -2.37
CA SER A 429 -28.30 5.89 -2.23
C SER A 429 -26.90 6.04 -2.84
N SER A 430 -26.30 4.96 -3.32
CA SER A 430 -24.91 4.98 -3.78
C SER A 430 -24.80 5.81 -5.07
N PRO A 431 -24.02 6.93 -5.18
CA PRO A 431 -23.88 7.58 -6.48
C PRO A 431 -23.15 6.71 -7.52
N SER A 432 -22.18 5.90 -7.07
CA SER A 432 -21.39 5.12 -8.03
C SER A 432 -22.29 4.13 -8.78
N LEU A 433 -23.21 3.46 -8.08
CA LEU A 433 -24.02 2.42 -8.67
C LEU A 433 -25.01 3.04 -9.68
N VAL A 434 -24.89 2.62 -10.94
CA VAL A 434 -25.74 3.17 -12.01
C VAL A 434 -26.47 2.09 -12.80
N LEU A 435 -26.12 0.80 -12.66
CA LEU A 435 -26.66 -0.27 -13.50
C LEU A 435 -26.67 -1.60 -12.75
N TRP A 436 -27.84 -2.27 -12.80
CA TRP A 436 -28.05 -3.64 -12.34
C TRP A 436 -27.94 -4.63 -13.49
N VAL A 437 -27.13 -5.67 -13.32
CA VAL A 437 -27.10 -6.81 -14.24
C VAL A 437 -27.85 -7.96 -13.59
N ASN A 438 -29.06 -8.24 -14.09
CA ASN A 438 -29.91 -9.23 -13.44
C ASN A 438 -29.34 -10.65 -13.53
N GLN A 439 -28.85 -11.04 -14.71
CA GLN A 439 -28.51 -12.43 -15.03
C GLN A 439 -27.31 -12.40 -15.98
N ASN A 440 -26.58 -13.51 -16.04
CA ASN A 440 -25.32 -13.55 -16.75
C ASN A 440 -25.21 -14.88 -17.48
N GLU A 441 -25.08 -14.78 -18.80
CA GLU A 441 -24.79 -15.88 -19.70
C GLU A 441 -25.71 -17.08 -19.49
N GLY A 442 -26.98 -16.83 -19.17
CA GLY A 442 -27.96 -17.89 -19.04
C GLY A 442 -27.87 -18.69 -17.74
N TRP A 443 -26.96 -18.35 -16.82
CA TRP A 443 -26.73 -19.15 -15.62
C TRP A 443 -27.95 -19.08 -14.70
N GLY A 444 -28.57 -20.25 -14.52
CA GLY A 444 -29.77 -20.36 -13.70
C GLY A 444 -30.93 -19.48 -14.18
N GLN A 445 -30.97 -19.21 -15.49
CA GLN A 445 -31.82 -18.17 -16.04
C GLN A 445 -33.30 -18.54 -15.99
N TYR A 446 -34.12 -17.50 -15.76
CA TYR A 446 -35.56 -17.59 -15.86
C TYR A 446 -36.15 -16.20 -15.95
N ASP A 447 -37.42 -16.16 -16.40
CA ASP A 447 -38.22 -14.94 -16.33
C ASP A 447 -37.42 -13.68 -16.74
N GLN A 448 -36.75 -13.70 -17.90
CA GLN A 448 -35.78 -12.67 -18.22
C GLN A 448 -36.45 -11.30 -18.34
N ALA A 449 -37.53 -11.25 -19.10
CA ALA A 449 -38.21 -9.97 -19.34
C ALA A 449 -38.94 -9.49 -18.08
N ARG A 450 -39.64 -10.42 -17.40
CA ARG A 450 -40.38 -10.06 -16.20
C ARG A 450 -39.44 -9.44 -15.16
N LEU A 451 -38.26 -10.06 -14.93
CA LEU A 451 -37.31 -9.55 -13.93
C LEU A 451 -36.73 -8.18 -14.29
N ALA A 452 -36.44 -7.95 -15.59
CA ALA A 452 -36.00 -6.64 -16.04
C ALA A 452 -37.04 -5.58 -15.70
N ASP A 453 -38.32 -5.88 -15.96
CA ASP A 453 -39.39 -4.94 -15.63
C ASP A 453 -39.51 -4.74 -14.12
N LYS A 454 -39.41 -5.84 -13.35
CA LYS A 454 -39.52 -5.80 -11.90
C LYS A 454 -38.43 -4.90 -11.29
N VAL A 455 -37.17 -5.12 -11.68
CA VAL A 455 -36.04 -4.40 -11.11
C VAL A 455 -36.12 -2.93 -11.50
N LYS A 456 -36.43 -2.67 -12.77
CA LYS A 456 -36.55 -1.31 -13.26
C LYS A 456 -37.68 -0.57 -12.52
N ALA A 457 -38.81 -1.24 -12.30
CA ALA A 457 -39.90 -0.56 -11.58
C ALA A 457 -39.49 -0.31 -10.13
N TYR A 458 -38.74 -1.22 -9.53
CA TYR A 458 -38.35 -1.04 -8.14
C TYR A 458 -37.22 -0.03 -7.93
N ASP A 459 -36.36 0.19 -8.95
CA ASP A 459 -35.25 1.13 -8.84
C ASP A 459 -35.08 1.89 -10.17
N PRO A 460 -36.09 2.70 -10.58
CA PRO A 460 -36.11 3.29 -11.92
C PRO A 460 -35.03 4.32 -12.23
N THR A 461 -34.32 4.86 -11.20
CA THR A 461 -33.26 5.84 -11.46
C THR A 461 -31.93 5.15 -11.75
N ARG A 462 -31.92 3.82 -11.84
CA ARG A 462 -30.75 3.10 -12.33
C ARG A 462 -31.10 2.42 -13.65
N LEU A 463 -30.07 2.08 -14.42
CA LEU A 463 -30.25 1.27 -15.62
C LEU A 463 -30.35 -0.20 -15.26
N VAL A 464 -30.99 -0.98 -16.12
CA VAL A 464 -31.13 -2.41 -15.90
C VAL A 464 -30.74 -3.20 -17.15
N ASP A 465 -29.95 -4.24 -16.97
CA ASP A 465 -29.54 -5.14 -18.05
C ASP A 465 -30.23 -6.47 -17.75
N ASN A 466 -31.13 -6.90 -18.64
CA ASN A 466 -31.94 -8.10 -18.42
C ASN A 466 -31.07 -9.35 -18.43
N SER A 468 -26.75 -10.38 -19.38
CA SER A 468 -25.44 -10.05 -19.91
C SER A 468 -24.96 -11.19 -20.81
N GLY A 469 -24.55 -10.88 -22.04
CA GLY A 469 -24.05 -11.93 -22.92
C GLY A 469 -25.15 -12.64 -23.73
N VAL A 470 -26.10 -11.87 -24.26
CA VAL A 470 -27.21 -12.41 -25.03
C VAL A 470 -26.74 -13.04 -26.35
N ASN A 471 -25.50 -12.76 -26.79
CA ASN A 471 -24.99 -13.32 -28.03
C ASN A 471 -24.44 -14.72 -27.81
N CYS A 472 -24.34 -15.21 -26.57
CA CYS A 472 -23.55 -16.42 -26.36
C CYS A 472 -24.27 -17.38 -25.44
N CYS A 473 -23.72 -18.59 -25.32
CA CYS A 473 -23.89 -19.54 -24.21
C CYS A 473 -25.33 -20.03 -23.98
N GLY A 474 -26.24 -19.96 -24.95
CA GLY A 474 -27.63 -20.39 -24.72
C GLY A 474 -28.40 -19.40 -23.84
N ALA A 475 -27.84 -18.20 -23.66
CA ALA A 475 -28.50 -17.13 -22.91
C ALA A 475 -29.70 -16.63 -23.72
N VAL A 476 -30.80 -16.38 -23.02
CA VAL A 476 -32.03 -15.92 -23.64
C VAL A 476 -32.23 -14.44 -23.26
N ASP A 477 -32.39 -13.61 -24.30
CA ASP A 477 -32.63 -12.18 -24.15
C ASP A 477 -34.12 -11.94 -23.96
N GLY A 478 -34.49 -11.35 -22.82
CA GLY A 478 -35.85 -10.90 -22.57
C GLY A 478 -36.33 -9.86 -23.58
N GLY A 479 -35.42 -9.09 -24.19
CA GLY A 479 -35.78 -8.14 -25.23
C GLY A 479 -35.94 -6.72 -24.69
N ASN A 480 -35.99 -6.61 -23.35
CA ASN A 480 -36.28 -5.36 -22.68
C ASN A 480 -35.08 -4.91 -21.83
N GLY A 481 -35.32 -4.10 -20.79
CA GLY A 481 -34.25 -3.42 -20.08
C GLY A 481 -33.60 -2.37 -20.96
N ASP A 482 -32.45 -1.86 -20.53
CA ASP A 482 -31.94 -0.62 -21.10
C ASP A 482 -30.81 -0.87 -22.09
N VAL A 483 -30.23 -2.08 -22.07
CA VAL A 483 -29.00 -2.36 -22.80
C VAL A 483 -29.12 -3.71 -23.50
N VAL A 484 -28.51 -3.79 -24.69
CA VAL A 484 -28.21 -5.07 -25.32
C VAL A 484 -26.73 -5.30 -25.07
N ASP A 485 -26.44 -6.39 -24.34
CA ASP A 485 -25.13 -6.65 -23.74
C ASP A 485 -24.55 -7.95 -24.31
N HIS A 486 -23.47 -7.81 -25.10
CA HIS A 486 -22.78 -8.94 -25.72
C HIS A 486 -21.47 -9.17 -24.98
N HIS A 487 -21.02 -10.44 -24.97
CA HIS A 487 -19.73 -10.81 -24.44
C HIS A 487 -18.95 -11.33 -25.66
N VAL A 488 -17.84 -10.67 -25.99
CA VAL A 488 -17.11 -11.01 -27.21
C VAL A 488 -15.63 -11.09 -26.85
N TYR A 489 -15.02 -12.25 -27.08
CA TYR A 489 -13.60 -12.47 -26.84
C TYR A 489 -12.89 -12.88 -28.13
N VAL A 490 -11.73 -12.29 -28.42
CA VAL A 490 -11.14 -11.21 -27.66
C VAL A 490 -11.93 -9.92 -27.84
N GLY A 491 -12.58 -9.74 -29.00
CA GLY A 491 -13.42 -8.57 -29.24
C GLY A 491 -12.73 -7.49 -30.07
N PRO A 492 -13.31 -6.27 -30.19
CA PRO A 492 -14.51 -5.88 -29.45
C PRO A 492 -15.86 -6.23 -30.05
N GLY A 493 -15.87 -6.85 -31.23
CA GLY A 493 -17.13 -7.26 -31.84
C GLY A 493 -17.81 -6.12 -32.60
N THR A 494 -19.09 -6.31 -32.94
CA THR A 494 -19.81 -5.35 -33.76
C THR A 494 -21.22 -5.11 -33.22
N THR A 495 -21.41 -5.19 -31.90
CA THR A 495 -22.68 -4.83 -31.30
C THR A 495 -23.11 -3.41 -31.73
N VAL A 496 -24.41 -3.25 -32.00
CA VAL A 496 -25.04 -1.98 -32.28
C VAL A 496 -26.30 -1.81 -31.44
N PRO A 497 -26.68 -0.55 -31.11
CA PRO A 497 -27.90 -0.31 -30.37
C PRO A 497 -29.14 -0.58 -31.22
N SER A 498 -30.26 -0.67 -30.53
CA SER A 498 -31.56 -0.71 -31.18
C SER A 498 -32.23 0.65 -31.00
N ALA A 499 -33.47 0.74 -31.49
CA ALA A 499 -34.25 1.95 -31.30
C ALA A 499 -34.54 2.15 -29.81
N THR A 500 -34.51 1.07 -28.98
CA THR A 500 -34.94 1.19 -27.60
C THR A 500 -33.82 0.91 -26.59
N ARG A 501 -32.69 0.33 -27.01
CA ARG A 501 -31.69 -0.10 -26.03
C ARG A 501 -30.31 0.30 -26.51
N ALA A 502 -29.52 0.79 -25.58
CA ALA A 502 -28.10 1.09 -25.82
C ALA A 502 -27.27 -0.18 -25.97
N ALA A 503 -26.11 -0.09 -26.60
CA ALA A 503 -25.27 -1.25 -26.84
C ALA A 503 -24.10 -1.21 -25.87
N VAL A 504 -23.85 -2.36 -25.23
CA VAL A 504 -22.70 -2.47 -24.36
C VAL A 504 -21.99 -3.81 -24.59
N LEU A 505 -20.68 -3.79 -24.33
CA LEU A 505 -19.84 -4.95 -24.37
C LEU A 505 -19.55 -5.34 -22.92
N GLY A 506 -20.36 -6.27 -22.41
CA GLY A 506 -20.35 -6.58 -21.00
C GLY A 506 -19.16 -7.46 -20.58
N GLU A 507 -18.42 -8.00 -21.57
CA GLU A 507 -17.15 -8.69 -21.35
C GLU A 507 -16.42 -8.74 -22.69
N PHE A 508 -15.11 -8.46 -22.67
CA PHE A 508 -14.22 -8.66 -23.80
C PHE A 508 -12.80 -8.81 -23.23
N GLY A 509 -11.84 -9.05 -24.12
CA GLY A 509 -10.44 -9.01 -23.72
C GLY A 509 -9.93 -10.40 -23.41
N GLY A 510 -9.61 -10.64 -22.13
CA GLY A 510 -9.25 -11.97 -21.69
C GLY A 510 -7.82 -12.33 -22.09
N LEU A 511 -6.96 -11.32 -22.20
CA LEU A 511 -5.56 -11.52 -22.58
C LEU A 511 -4.77 -12.09 -21.39
N GLY A 512 -4.13 -13.24 -21.60
CA GLY A 512 -3.37 -13.89 -20.55
C GLY A 512 -1.86 -13.65 -20.58
N PHE A 513 -1.28 -13.67 -19.38
CA PHE A 513 0.17 -13.67 -19.18
C PHE A 513 0.48 -14.26 -17.80
N LYS A 514 1.22 -15.36 -17.77
CA LYS A 514 1.70 -15.93 -16.51
C LYS A 514 3.00 -15.23 -16.09
N VAL A 515 2.93 -14.57 -14.92
CA VAL A 515 4.02 -13.83 -14.31
C VAL A 515 4.75 -14.77 -13.34
N ALA A 516 6.03 -15.04 -13.68
CA ALA A 516 6.84 -15.99 -12.92
C ALA A 516 6.96 -15.47 -11.49
N GLY A 517 6.70 -16.31 -10.48
CA GLY A 517 6.74 -15.85 -9.11
C GLY A 517 5.41 -15.32 -8.60
N HIS A 518 4.40 -15.14 -9.48
CA HIS A 518 3.11 -14.53 -9.11
C HIS A 518 1.96 -15.30 -9.79
N GLU A 519 2.07 -16.63 -9.76
CA GLU A 519 1.07 -17.59 -10.22
C GLU A 519 0.56 -18.36 -9.00
N TRP A 520 -0.77 -18.48 -8.90
CA TRP A 520 -1.42 -19.21 -7.83
C TRP A 520 -1.01 -20.66 -7.88
N TYR A 521 -0.94 -21.22 -9.09
CA TYR A 521 -0.46 -22.57 -9.30
C TYR A 521 0.48 -22.53 -10.50
N PRO A 522 1.82 -22.59 -10.31
CA PRO A 522 2.74 -22.45 -11.45
C PRO A 522 2.38 -23.33 -12.62
N GLY A 523 2.30 -22.70 -13.80
CA GLY A 523 1.99 -23.38 -15.05
C GLY A 523 0.50 -23.69 -15.24
N GLY A 524 -0.36 -23.36 -14.27
CA GLY A 524 -1.77 -23.72 -14.35
C GLY A 524 -2.62 -22.76 -15.20
N GLY A 525 -2.05 -21.58 -15.50
CA GLY A 525 -2.77 -20.45 -16.04
C GLY A 525 -3.33 -20.67 -17.46
N PHE A 526 -4.56 -20.16 -17.65
CA PHE A 526 -5.22 -20.15 -18.94
C PHE A 526 -5.84 -18.77 -19.19
N SER A 527 -6.19 -18.51 -20.45
CA SER A 527 -6.79 -17.23 -20.85
C SER A 527 -7.45 -17.39 -22.23
N TYR A 528 -8.09 -16.35 -22.77
CA TYR A 528 -8.72 -16.41 -24.08
C TYR A 528 -7.65 -16.26 -25.16
N GLU A 529 -6.56 -15.60 -24.84
CA GLU A 529 -5.47 -15.40 -25.80
C GLU A 529 -4.18 -15.15 -25.02
N ASP A 530 -3.28 -16.14 -25.00
CA ASP A 530 -2.03 -16.00 -24.26
C ASP A 530 -1.09 -15.04 -24.98
N GLN A 531 -0.41 -14.17 -24.24
CA GLN A 531 0.52 -13.20 -24.78
C GLN A 531 1.94 -13.67 -24.51
N PRO A 532 2.85 -13.65 -25.51
CA PRO A 532 4.23 -14.12 -25.29
C PRO A 532 5.03 -13.30 -24.29
N ASP A 533 4.70 -12.00 -24.15
CA ASP A 533 5.43 -11.16 -23.23
C ASP A 533 4.61 -9.91 -22.98
N LEU A 534 5.07 -9.07 -22.04
CA LEU A 534 4.35 -7.87 -21.64
C LEU A 534 4.24 -6.84 -22.78
N ALA A 535 5.28 -6.73 -23.62
CA ALA A 535 5.23 -5.80 -24.74
C ALA A 535 4.04 -6.18 -25.64
N HIS A 536 3.84 -7.49 -25.90
CA HIS A 536 2.71 -7.91 -26.70
C HIS A 536 1.38 -7.57 -26.01
N LEU A 537 1.27 -7.83 -24.71
CA LEU A 537 0.05 -7.59 -23.96
C LEU A 537 -0.33 -6.12 -24.04
N ASN A 538 0.65 -5.24 -23.81
CA ASN A 538 0.43 -3.80 -23.84
C ASN A 538 -0.08 -3.34 -25.20
N ASN A 539 0.63 -3.73 -26.26
CA ASN A 539 0.22 -3.37 -27.63
C ASN A 539 -1.17 -3.90 -27.96
N ARG A 540 -1.50 -5.13 -27.52
CA ARG A 540 -2.78 -5.74 -27.84
C ARG A 540 -3.93 -5.04 -27.09
N PHE A 541 -3.71 -4.79 -25.80
CA PHE A 541 -4.72 -4.14 -24.98
C PHE A 541 -5.00 -2.72 -25.50
N VAL A 542 -3.93 -1.96 -25.80
CA VAL A 542 -4.16 -0.60 -26.26
C VAL A 542 -4.88 -0.63 -27.61
N GLY A 543 -4.60 -1.65 -28.44
CA GLY A 543 -5.25 -1.79 -29.74
C GLY A 543 -6.78 -1.98 -29.63
N LEU A 544 -7.21 -2.68 -28.56
CA LEU A 544 -8.61 -2.96 -28.30
C LEU A 544 -9.34 -1.66 -27.94
N ILE A 545 -8.72 -0.85 -27.07
CA ILE A 545 -9.27 0.45 -26.66
C ILE A 545 -9.35 1.41 -27.86
N ASP A 546 -8.28 1.44 -28.67
CA ASP A 546 -8.27 2.29 -29.85
C ASP A 546 -9.35 1.85 -30.84
N ALA A 547 -9.58 0.54 -31.00
CA ALA A 547 -10.66 0.05 -31.84
C ALA A 547 -12.04 0.52 -31.35
N ILE A 548 -12.24 0.47 -30.03
CA ILE A 548 -13.48 0.94 -29.46
C ILE A 548 -13.64 2.45 -29.73
N ARG A 549 -12.56 3.21 -29.54
CA ARG A 549 -12.60 4.64 -29.73
C ARG A 549 -12.89 4.99 -31.19
N GLU A 550 -12.13 4.37 -32.10
CA GLU A 550 -12.10 4.79 -33.49
C GLU A 550 -13.28 4.24 -34.28
N VAL A 551 -13.71 2.99 -34.02
CA VAL A 551 -14.74 2.35 -34.84
C VAL A 551 -16.04 2.09 -34.09
N ARG A 552 -15.97 1.41 -32.93
CA ARG A 552 -17.17 0.86 -32.33
C ARG A 552 -18.01 1.95 -31.63
N PRO A 554 -18.26 5.24 -32.19
CA PRO A 554 -19.00 6.08 -33.12
C PRO A 554 -20.20 5.39 -33.76
N ARG A 555 -20.13 4.06 -33.92
CA ARG A 555 -21.22 3.25 -34.45
C ARG A 555 -22.20 2.80 -33.38
N GLY A 556 -22.07 3.30 -32.15
CA GLY A 556 -23.14 3.14 -31.17
C GLY A 556 -22.77 2.31 -29.93
N LEU A 557 -21.54 1.80 -29.83
CA LEU A 557 -21.09 1.16 -28.60
C LEU A 557 -20.92 2.23 -27.52
N SER A 558 -21.51 1.99 -26.34
CA SER A 558 -21.55 2.97 -25.26
C SER A 558 -20.76 2.58 -24.01
N ALA A 559 -20.39 1.30 -23.86
CA ALA A 559 -19.62 0.85 -22.69
C ALA A 559 -18.92 -0.46 -23.01
N SER A 560 -17.83 -0.72 -22.28
CA SER A 560 -17.06 -1.94 -22.46
C SER A 560 -16.48 -2.39 -21.13
N VAL A 561 -16.41 -3.71 -20.94
CA VAL A 561 -15.98 -4.32 -19.70
C VAL A 561 -14.83 -5.28 -20.00
N HIS A 562 -13.62 -4.83 -19.69
CA HIS A 562 -12.45 -5.64 -20.00
C HIS A 562 -12.25 -6.70 -18.92
N THR A 563 -12.15 -7.96 -19.32
CA THR A 563 -11.82 -9.07 -18.44
C THR A 563 -10.28 -9.15 -18.32
N GLU A 564 -9.68 -8.86 -17.16
CA GLU A 564 -10.32 -8.45 -15.91
C GLU A 564 -9.27 -7.67 -15.11
N ILE A 565 -9.65 -7.14 -13.92
CA ILE A 565 -8.71 -6.35 -13.16
C ILE A 565 -7.59 -7.22 -12.59
N THR A 566 -7.88 -8.41 -12.05
CA THR A 566 -6.81 -9.24 -11.48
C THR A 566 -6.97 -10.65 -11.99
N ASP A 567 -5.83 -11.35 -12.11
CA ASP A 567 -5.87 -12.80 -12.25
C ASP A 567 -6.70 -13.32 -11.06
N VAL A 568 -7.37 -14.46 -11.26
CA VAL A 568 -8.05 -15.14 -10.18
C VAL A 568 -7.77 -16.64 -10.37
N GLU A 569 -7.16 -17.25 -9.34
CA GLU A 569 -6.73 -18.63 -9.38
C GLU A 569 -5.97 -18.86 -10.69
N ASN A 570 -6.45 -19.78 -11.52
CA ASN A 570 -5.72 -20.10 -12.73
C ASN A 570 -6.20 -19.31 -13.95
N GLU A 571 -7.12 -18.36 -13.76
CA GLU A 571 -7.48 -17.48 -14.86
C GLU A 571 -6.51 -16.30 -14.85
N VAL A 572 -5.54 -16.29 -15.75
CA VAL A 572 -4.42 -15.35 -15.68
C VAL A 572 -4.58 -14.22 -16.71
N ASN A 573 -5.80 -13.68 -16.81
CA ASN A 573 -6.15 -12.60 -17.72
C ASN A 573 -6.35 -11.27 -17.01
N GLY A 574 -5.73 -11.10 -15.83
CA GLY A 574 -5.76 -9.82 -15.14
C GLY A 574 -4.78 -8.81 -15.72
N LEU A 575 -5.12 -7.54 -15.51
CA LEU A 575 -4.17 -6.45 -15.58
C LEU A 575 -3.15 -6.49 -14.45
N LEU A 576 -3.54 -7.06 -13.30
CA LEU A 576 -2.65 -7.31 -12.17
C LEU A 576 -2.64 -8.80 -11.88
N THR A 577 -1.58 -9.25 -11.19
CA THR A 577 -1.51 -10.61 -10.70
C THR A 577 -2.50 -10.76 -9.55
N TYR A 578 -2.80 -12.01 -9.18
CA TYR A 578 -3.82 -12.30 -8.18
C TYR A 578 -3.41 -11.88 -6.76
N ASP A 579 -2.11 -11.85 -6.51
CA ASP A 579 -1.57 -11.33 -5.27
C ASP A 579 -1.44 -9.80 -5.23
N ARG A 580 -1.81 -9.13 -6.32
CA ARG A 580 -1.77 -7.67 -6.44
C ARG A 580 -0.32 -7.14 -6.33
N GLN A 581 0.70 -7.96 -6.57
CA GLN A 581 2.07 -7.51 -6.39
C GLN A 581 2.63 -6.92 -7.66
N VAL A 582 2.09 -7.33 -8.80
CA VAL A 582 2.59 -6.89 -10.09
C VAL A 582 1.45 -6.33 -10.94
N VAL A 583 1.68 -5.11 -11.47
CA VAL A 583 0.87 -4.56 -12.54
C VAL A 583 1.51 -4.93 -13.88
N LYS A 584 0.77 -5.65 -14.69
CA LYS A 584 1.32 -6.26 -15.90
C LYS A 584 1.43 -5.25 -17.04
N VAL A 585 0.64 -4.17 -16.97
CA VAL A 585 0.54 -3.22 -18.07
C VAL A 585 1.24 -1.92 -17.73
N ASP A 586 1.59 -1.20 -18.82
CA ASP A 586 2.14 0.15 -18.75
C ASP A 586 1.00 1.09 -18.39
N GLU A 587 1.04 1.67 -17.18
CA GLU A 587 -0.11 2.38 -16.66
C GLU A 587 -0.39 3.63 -17.49
N ALA A 588 0.67 4.38 -17.78
CA ALA A 588 0.55 5.60 -18.53
C ALA A 588 -0.06 5.33 -19.89
N ARG A 589 0.35 4.24 -20.57
CA ARG A 589 -0.17 3.96 -21.91
C ARG A 589 -1.65 3.57 -21.87
N VAL A 590 -2.04 2.75 -20.90
CA VAL A 590 -3.44 2.37 -20.76
C VAL A 590 -4.29 3.58 -20.41
N ARG A 591 -3.81 4.40 -19.49
CA ARG A 591 -4.54 5.55 -19.03
C ARG A 591 -4.74 6.50 -20.21
N ALA A 592 -3.69 6.69 -21.03
CA ALA A 592 -3.79 7.57 -22.20
C ALA A 592 -4.87 7.08 -23.15
N ALA A 593 -4.90 5.76 -23.42
CA ALA A 593 -5.86 5.18 -24.33
C ALA A 593 -7.29 5.34 -23.81
N ASN A 594 -7.49 5.02 -22.51
CA ASN A 594 -8.79 5.18 -21.89
C ASN A 594 -9.21 6.63 -21.92
N ARG A 595 -8.29 7.52 -21.60
CA ARG A 595 -8.65 8.92 -21.54
C ARG A 595 -9.06 9.45 -22.91
N ALA A 596 -8.37 8.99 -23.97
CA ALA A 596 -8.70 9.40 -25.32
C ALA A 596 -10.09 8.91 -25.71
N LEU A 597 -10.44 7.68 -25.31
CA LEU A 597 -11.76 7.12 -25.58
C LEU A 597 -12.87 7.94 -24.90
N ILE A 598 -12.71 8.19 -23.60
CA ILE A 598 -13.65 9.02 -22.86
C ILE A 598 -13.80 10.41 -23.49
N ASP A 599 -12.67 11.06 -23.78
CA ASP A 599 -12.71 12.43 -24.31
C ASP A 599 -13.39 12.48 -25.66
N ALA A 600 -13.09 11.49 -26.54
CA ALA A 600 -13.70 11.43 -27.85
C ALA A 600 -15.21 11.27 -27.72
N SER A 601 -15.65 10.51 -26.73
CA SER A 601 -17.06 10.15 -26.61
C SER A 601 -17.88 11.40 -26.23
N ARG A 602 -17.24 12.36 -25.59
CA ARG A 602 -17.92 13.55 -25.13
C ARG A 602 -17.83 14.62 -26.20
N PRO B 23 25.59 -11.59 33.21
CA PRO B 23 24.41 -12.12 33.88
C PRO B 23 23.06 -11.53 33.48
N ARG B 24 22.71 -10.28 33.84
CA ARG B 24 21.29 -9.92 33.84
C ARG B 24 20.65 -10.22 32.47
N ALA B 25 19.76 -11.22 32.44
CA ALA B 25 19.19 -11.72 31.20
C ALA B 25 18.45 -10.61 30.46
N TRP B 26 18.45 -10.75 29.14
CA TRP B 26 17.85 -9.74 28.29
C TRP B 26 16.38 -9.54 28.64
N THR B 27 15.99 -8.26 28.74
CA THR B 27 14.67 -7.82 29.16
C THR B 27 14.11 -6.88 28.10
N PRO B 28 12.95 -7.20 27.47
CA PRO B 28 12.23 -6.26 26.62
C PRO B 28 11.91 -4.95 27.32
N LYS B 29 11.92 -3.83 26.59
CA LYS B 29 11.56 -2.54 27.14
C LYS B 29 10.31 -2.06 26.42
N PRO B 30 9.28 -1.51 27.10
CA PRO B 30 8.10 -1.01 26.39
C PRO B 30 8.54 0.14 25.47
N SER B 31 8.04 0.11 24.24
CA SER B 31 8.37 1.14 23.27
C SER B 31 7.55 2.39 23.52
N PRO B 32 8.10 3.62 23.29
CA PRO B 32 7.31 4.84 23.42
C PRO B 32 6.04 4.89 22.56
N THR B 34 3.82 2.25 19.51
CA THR B 34 3.82 0.95 18.88
C THR B 34 3.63 1.09 17.38
N THR B 35 4.62 0.63 16.59
CA THR B 35 4.46 0.56 15.13
C THR B 35 3.80 -0.77 14.80
N PRO B 36 3.36 -0.98 13.54
CA PRO B 36 2.81 -2.27 13.16
C PRO B 36 3.80 -3.42 13.31
N TRP B 37 5.10 -3.10 13.50
CA TRP B 37 6.14 -4.13 13.54
C TRP B 37 6.81 -4.24 14.92
N THR B 38 6.50 -3.36 15.87
CA THR B 38 7.24 -3.30 17.12
C THR B 38 7.20 -4.65 17.84
N ASP B 39 6.02 -5.29 17.83
CA ASP B 39 5.77 -6.49 18.60
C ASP B 39 6.14 -7.73 17.81
N GLN B 40 6.64 -7.56 16.59
CA GLN B 40 7.03 -8.70 15.78
C GLN B 40 8.54 -8.83 15.63
N VAL B 41 9.34 -8.22 16.48
CA VAL B 41 10.79 -8.33 16.29
C VAL B 41 11.29 -9.60 16.97
N PRO B 42 11.94 -10.55 16.25
CA PRO B 42 12.50 -11.74 16.90
C PRO B 42 13.53 -11.37 17.96
N VAL B 43 13.64 -12.22 19.00
CA VAL B 43 14.60 -12.01 20.07
C VAL B 43 15.99 -12.44 19.59
N ASP B 44 16.08 -13.67 19.07
CA ASP B 44 17.38 -14.28 18.75
C ASP B 44 17.83 -13.99 17.31
N ASN B 45 16.88 -13.84 16.38
CA ASN B 45 17.21 -13.67 14.97
C ASN B 45 16.53 -12.43 14.34
N PRO B 46 16.69 -11.21 14.92
CA PRO B 46 16.11 -10.03 14.28
C PRO B 46 16.84 -9.72 12.97
N LEU B 47 16.17 -8.94 12.13
CA LEU B 47 16.70 -8.52 10.84
C LEU B 47 17.48 -9.64 10.16
N PRO B 48 16.83 -10.77 9.79
CA PRO B 48 17.56 -11.92 9.22
C PRO B 48 17.97 -11.89 7.76
N GLU B 49 17.49 -10.90 7.01
CA GLU B 49 17.64 -10.89 5.56
C GLU B 49 19.07 -10.56 5.16
N TYR B 50 19.45 -11.01 3.98
CA TYR B 50 20.80 -10.82 3.47
C TYR B 50 21.12 -9.32 3.40
N PRO B 51 22.22 -8.85 4.02
CA PRO B 51 22.45 -7.42 4.17
C PRO B 51 22.96 -6.67 2.94
N ARG B 52 23.38 -7.39 1.88
CA ARG B 52 24.07 -6.77 0.75
C ARG B 52 23.53 -7.31 -0.57
N PRO B 53 22.26 -7.01 -0.90
CA PRO B 53 21.61 -7.62 -2.04
C PRO B 53 22.19 -7.33 -3.41
N GLN B 54 22.99 -6.26 -3.56
CA GLN B 54 23.61 -5.98 -4.84
C GLN B 54 25.00 -6.59 -5.00
N LEU B 55 25.46 -7.38 -4.02
CA LEU B 55 26.74 -8.08 -4.13
C LEU B 55 26.65 -9.37 -3.31
N THR B 56 26.30 -10.49 -3.95
CA THR B 56 25.86 -11.66 -3.22
C THR B 56 26.81 -12.84 -3.42
N ARG B 57 26.91 -13.61 -2.33
CA ARG B 57 27.45 -14.95 -2.30
C ARG B 57 26.46 -15.82 -1.53
N PRO B 58 26.42 -17.15 -1.78
CA PRO B 58 25.43 -17.99 -1.09
C PRO B 58 25.67 -18.25 0.39
N ASP B 59 26.93 -18.22 0.81
CA ASP B 59 27.30 -18.60 2.16
C ASP B 59 27.46 -17.36 3.01
N TRP B 60 26.83 -17.40 4.21
CA TRP B 60 26.99 -16.35 5.19
C TRP B 60 26.40 -16.79 6.52
N ALA B 61 26.63 -15.99 7.57
CA ALA B 61 26.02 -16.22 8.85
C ALA B 61 25.66 -14.89 9.49
N ASN B 62 24.47 -14.80 10.11
CA ASN B 62 24.00 -13.56 10.72
C ASN B 62 24.37 -13.58 12.21
N LEU B 63 25.03 -12.53 12.71
CA LEU B 63 25.38 -12.48 14.13
C LEU B 63 24.44 -11.62 14.94
N ASN B 64 23.35 -11.14 14.35
CA ASN B 64 22.35 -10.42 15.12
C ASN B 64 21.81 -11.28 16.24
N GLY B 65 21.32 -10.63 17.28
CA GLY B 65 20.63 -11.31 18.36
C GLY B 65 21.05 -10.77 19.71
N ILE B 66 21.01 -11.64 20.72
CA ILE B 66 21.30 -11.23 22.07
C ILE B 66 22.79 -11.37 22.37
N TRP B 67 23.41 -10.23 22.70
CA TRP B 67 24.81 -10.18 23.06
C TRP B 67 24.92 -9.71 24.52
N ASP B 68 26.01 -10.06 25.21
CA ASP B 68 26.28 -9.49 26.52
C ASP B 68 26.81 -8.08 26.31
N PHE B 69 26.52 -7.22 27.29
CA PHE B 69 26.66 -5.79 27.12
C PHE B 69 27.18 -5.16 28.42
N ALA B 70 27.97 -4.11 28.27
CA ALA B 70 28.35 -3.25 29.38
C ALA B 70 28.53 -1.82 28.87
N VAL B 71 28.30 -0.87 29.77
CA VAL B 71 28.71 0.51 29.54
C VAL B 71 29.82 0.85 30.53
N THR B 72 30.95 1.34 30.02
CA THR B 72 32.05 1.88 30.83
C THR B 72 32.22 3.37 30.58
N SER B 73 33.16 3.99 31.31
CA SER B 73 33.69 5.29 30.94
C SER B 73 34.34 5.20 29.55
N ALA B 74 34.51 6.35 28.92
CA ALA B 74 34.98 6.45 27.54
C ALA B 74 36.38 5.86 27.33
N ASN B 75 37.30 6.07 28.27
CA ASN B 75 38.67 5.60 28.04
C ASN B 75 38.97 4.29 28.75
N ALA B 76 37.95 3.58 29.26
CA ALA B 76 38.20 2.35 29.99
C ALA B 76 38.52 1.21 29.03
N GLY B 77 39.30 0.25 29.52
CA GLY B 77 39.48 -1.02 28.86
C GLY B 77 38.29 -1.96 29.05
N GLN B 78 38.42 -3.16 28.51
CA GLN B 78 37.31 -4.11 28.51
C GLN B 78 36.93 -4.47 29.94
N PRO B 79 35.63 -4.42 30.33
CA PRO B 79 35.25 -4.74 31.71
C PRO B 79 35.44 -6.24 31.98
N ALA B 80 35.69 -6.55 33.26
CA ALA B 80 35.90 -7.90 33.70
C ALA B 80 34.61 -8.73 33.63
N THR B 81 33.46 -8.08 33.84
CA THR B 81 32.18 -8.74 33.64
C THR B 81 31.29 -7.84 32.78
N PHE B 82 30.35 -8.49 32.08
CA PHE B 82 29.31 -7.84 31.30
C PHE B 82 27.99 -8.01 32.05
N PRO B 83 27.51 -6.98 32.76
CA PRO B 83 26.37 -7.17 33.65
C PRO B 83 25.02 -7.24 32.95
N GLU B 84 24.98 -6.98 31.64
CA GLU B 84 23.68 -6.81 30.97
C GLU B 84 23.67 -7.54 29.65
N GLN B 85 22.53 -7.47 28.97
CA GLN B 85 22.45 -7.97 27.60
C GLN B 85 21.70 -6.97 26.68
N ILE B 86 22.02 -7.04 25.39
CA ILE B 86 21.46 -6.14 24.39
C ILE B 86 21.11 -6.95 23.15
N ARG B 87 20.11 -6.48 22.40
CA ARG B 87 19.73 -7.07 21.15
C ARG B 87 20.35 -6.27 20.00
N VAL B 88 21.35 -6.88 19.36
CA VAL B 88 21.94 -6.32 18.16
C VAL B 88 21.01 -6.61 16.99
N PRO B 89 20.76 -5.67 16.03
CA PRO B 89 21.47 -4.39 15.94
C PRO B 89 20.69 -3.11 16.27
N PHE B 90 20.15 -3.04 17.51
CA PHE B 90 19.45 -1.85 17.97
C PHE B 90 20.31 -1.07 18.95
N VAL B 91 20.35 0.25 18.72
CA VAL B 91 21.19 1.11 19.52
C VAL B 91 20.70 1.12 20.96
N ALA B 92 21.61 1.48 21.85
CA ALA B 92 21.33 1.45 23.28
C ALA B 92 20.20 2.42 23.67
N GLU B 93 19.99 3.49 22.87
CA GLU B 93 18.95 4.46 23.19
C GLU B 93 17.57 3.89 22.91
N SER B 94 17.46 2.83 22.09
CA SER B 94 16.18 2.33 21.59
C SER B 94 15.50 1.37 22.57
N ALA B 95 14.16 1.34 22.55
CA ALA B 95 13.43 0.31 23.30
C ALA B 95 13.78 -1.10 22.80
N LEU B 96 13.92 -1.24 21.48
CA LEU B 96 14.09 -2.54 20.86
C LEU B 96 15.39 -3.20 21.30
N SER B 97 16.39 -2.40 21.73
CA SER B 97 17.66 -2.92 22.20
C SER B 97 17.47 -3.72 23.49
N GLY B 98 16.45 -3.36 24.26
CA GLY B 98 16.28 -3.92 25.60
C GLY B 98 17.06 -3.13 26.65
N ILE B 99 17.73 -2.03 26.25
CA ILE B 99 18.50 -1.22 27.17
C ILE B 99 17.79 0.12 27.37
N GLN B 100 17.59 0.87 26.28
CA GLN B 100 16.89 2.15 26.33
C GLN B 100 17.49 3.13 27.34
N ARG B 101 18.76 3.47 27.14
CA ARG B 101 19.47 4.42 27.98
C ARG B 101 20.15 5.51 27.13
N LYS B 102 20.16 6.74 27.67
CA LYS B 102 21.00 7.80 27.16
C LYS B 102 22.48 7.42 27.27
N ILE B 103 23.23 7.63 26.18
CA ILE B 103 24.67 7.42 26.06
C ILE B 103 25.34 8.76 25.79
N THR B 104 26.33 9.11 26.61
CA THR B 104 27.04 10.37 26.44
C THR B 104 28.42 10.13 25.85
N GLN B 105 29.12 11.24 25.61
CA GLN B 105 30.46 11.17 25.07
C GLN B 105 31.43 10.63 26.11
N ASN B 106 31.00 10.58 27.38
CA ASN B 106 31.85 10.07 28.44
C ASN B 106 31.56 8.59 28.75
N ASP B 107 30.75 7.93 27.90
CA ASP B 107 30.46 6.51 27.99
C ASP B 107 31.11 5.78 26.83
N LYS B 108 31.23 4.46 26.98
CA LYS B 108 31.64 3.57 25.90
C LYS B 108 30.88 2.25 26.01
N LEU B 109 30.40 1.76 24.87
CA LEU B 109 29.60 0.55 24.77
C LEU B 109 30.50 -0.67 24.53
N TRP B 110 30.21 -1.77 25.25
CA TRP B 110 30.96 -3.00 25.09
C TRP B 110 29.96 -4.09 24.76
N TYR B 111 30.26 -4.83 23.69
CA TYR B 111 29.41 -5.94 23.26
C TYR B 111 30.25 -7.21 23.24
N LYS B 112 29.65 -8.35 23.62
CA LYS B 112 30.37 -9.61 23.53
C LYS B 112 29.42 -10.75 23.19
N ARG B 113 29.85 -11.64 22.29
CA ARG B 113 29.12 -12.88 22.06
C ARG B 113 30.09 -13.96 21.57
N THR B 114 29.61 -15.21 21.57
CA THR B 114 30.43 -16.29 21.04
C THR B 114 29.85 -16.71 19.70
N PHE B 115 30.66 -17.34 18.88
CA PHE B 115 30.21 -17.81 17.58
C PHE B 115 31.06 -19.00 17.17
N THR B 116 30.54 -19.80 16.23
CA THR B 116 31.29 -20.86 15.58
C THR B 116 31.29 -20.60 14.08
N VAL B 117 32.20 -21.24 13.34
CA VAL B 117 32.22 -21.03 11.89
C VAL B 117 31.89 -22.35 11.21
N PRO B 118 30.94 -22.37 10.25
CA PRO B 118 30.58 -23.60 9.57
C PRO B 118 31.79 -24.33 9.01
N SER B 119 31.76 -25.64 9.23
CA SER B 119 32.78 -26.59 8.84
C SER B 119 33.05 -26.51 7.32
N ASN B 120 32.00 -26.28 6.53
CA ASN B 120 32.12 -26.23 5.08
C ASN B 120 32.80 -24.94 4.60
N TRP B 121 33.15 -24.01 5.50
CA TRP B 121 33.89 -22.81 5.11
C TRP B 121 35.40 -23.05 5.12
N ASN B 122 35.82 -24.21 5.62
CA ASN B 122 37.24 -24.46 5.84
C ASN B 122 37.94 -24.32 4.48
N GLY B 123 39.07 -23.64 4.50
CA GLY B 123 39.86 -23.42 3.31
C GLY B 123 39.67 -22.01 2.75
N ARG B 124 38.63 -21.29 3.20
CA ARG B 124 38.40 -19.93 2.72
C ARG B 124 38.72 -18.91 3.82
N ARG B 125 38.87 -17.65 3.42
CA ARG B 125 38.99 -16.58 4.39
C ARG B 125 37.62 -16.32 5.00
N VAL B 126 37.64 -15.86 6.24
CA VAL B 126 36.39 -15.51 6.89
C VAL B 126 36.37 -14.00 7.13
N GLN B 127 35.34 -13.37 6.59
CA GLN B 127 35.19 -11.92 6.68
C GLN B 127 34.14 -11.59 7.73
N LEU B 128 34.47 -10.67 8.64
CA LEU B 128 33.50 -10.13 9.57
C LEU B 128 33.05 -8.74 9.09
N ASN B 129 31.73 -8.65 8.84
CA ASN B 129 31.10 -7.51 8.18
C ASN B 129 30.21 -6.73 9.15
N PHE B 130 30.36 -5.39 9.15
CA PHE B 130 29.51 -4.52 9.92
C PHE B 130 28.84 -3.56 8.93
N GLY B 131 27.51 -3.53 8.93
CA GLY B 131 26.83 -2.56 8.08
C GLY B 131 27.05 -1.12 8.54
N ALA B 132 26.97 -0.87 9.85
CA ALA B 132 27.24 0.44 10.40
C ALA B 132 27.35 0.31 11.90
N SER B 133 28.23 1.13 12.49
CA SER B 133 28.34 1.23 13.94
C SER B 133 28.70 2.68 14.26
N ASP B 134 27.94 3.37 15.14
CA ASP B 134 28.14 4.79 15.40
C ASP B 134 28.82 4.97 16.76
N TRP B 135 30.05 5.51 16.88
CA TRP B 135 30.84 6.17 15.83
C TRP B 135 32.19 5.47 15.63
N ARG B 136 32.88 5.15 16.73
CA ARG B 136 34.25 4.67 16.69
C ARG B 136 34.30 3.27 17.26
N THR B 137 34.64 2.29 16.41
CA THR B 137 34.42 0.88 16.71
C THR B 137 35.77 0.16 16.73
N THR B 138 36.02 -0.62 17.78
CA THR B 138 37.20 -1.45 17.86
C THR B 138 36.73 -2.89 18.07
N VAL B 139 37.36 -3.83 17.37
CA VAL B 139 36.92 -5.22 17.39
C VAL B 139 38.08 -6.12 17.83
N TRP B 140 37.75 -7.08 18.70
CA TRP B 140 38.63 -8.15 19.15
C TRP B 140 38.00 -9.52 18.89
N VAL B 141 38.76 -10.41 18.25
CA VAL B 141 38.38 -11.80 18.11
C VAL B 141 39.36 -12.64 18.94
N ASN B 142 38.83 -13.43 19.88
CA ASN B 142 39.63 -14.18 20.86
C ASN B 142 40.72 -13.29 21.47
N GLY B 143 40.33 -12.09 21.90
CA GLY B 143 41.20 -11.18 22.63
C GLY B 143 42.24 -10.47 21.78
N ARG B 144 42.22 -10.62 20.44
CA ARG B 144 43.17 -9.90 19.60
C ARG B 144 42.46 -8.96 18.63
N GLN B 145 43.05 -7.78 18.47
CA GLN B 145 42.42 -6.73 17.69
C GLN B 145 42.36 -7.14 16.24
N ALA B 146 41.17 -7.05 15.62
CA ALA B 146 40.97 -7.57 14.27
C ALA B 146 41.55 -6.64 13.21
N GLY B 147 41.71 -5.35 13.50
CA GLY B 147 42.27 -4.45 12.51
C GLY B 147 42.18 -3.02 13.04
N ALA B 148 42.45 -2.06 12.15
CA ALA B 148 42.37 -0.66 12.51
C ALA B 148 41.00 -0.30 13.09
N VAL B 149 41.03 0.60 14.07
CA VAL B 149 39.81 1.16 14.64
C VAL B 149 39.02 1.81 13.49
N HIS B 150 37.70 1.60 13.42
CA HIS B 150 36.90 2.19 12.38
C HIS B 150 36.18 3.42 12.95
N SER B 151 36.36 4.57 12.30
CA SER B 151 35.67 5.80 12.67
C SER B 151 34.71 6.21 11.56
N GLY B 152 33.41 6.36 11.88
CA GLY B 152 32.37 6.73 10.93
C GLY B 152 31.11 5.89 11.19
N GLY B 153 29.95 6.56 11.28
CA GLY B 153 28.73 5.91 11.75
C GLY B 153 27.80 5.46 10.62
N TYR B 154 28.17 5.76 9.37
CA TYR B 154 27.28 5.56 8.23
C TYR B 154 27.83 4.64 7.15
N ASP B 155 29.11 4.26 7.22
CA ASP B 155 29.71 3.44 6.19
C ASP B 155 29.95 2.03 6.72
N ALA B 156 29.80 1.05 5.82
CA ALA B 156 30.06 -0.35 6.14
C ALA B 156 31.56 -0.61 6.20
N PHE B 157 31.95 -1.61 6.99
CA PHE B 157 33.35 -1.97 7.08
C PHE B 157 33.47 -3.45 7.42
N SER B 158 34.71 -3.94 7.32
CA SER B 158 34.96 -5.35 7.36
C SER B 158 36.35 -5.64 7.90
N TYR B 159 36.51 -6.84 8.48
CA TYR B 159 37.83 -7.34 8.85
C TYR B 159 37.96 -8.80 8.42
N ASP B 160 39.14 -9.14 7.88
CA ASP B 160 39.47 -10.53 7.63
C ASP B 160 39.99 -11.13 8.94
N VAL B 161 39.17 -11.97 9.59
CA VAL B 161 39.46 -12.49 10.93
C VAL B 161 39.98 -13.93 10.89
N THR B 162 40.25 -14.42 9.68
CA THR B 162 40.68 -15.79 9.47
C THR B 162 41.76 -16.20 10.49
N ASP B 163 42.84 -15.42 10.57
CA ASP B 163 44.02 -15.82 11.32
C ASP B 163 43.81 -15.67 12.83
N LEU B 164 42.64 -15.16 13.26
CA LEU B 164 42.33 -15.02 14.67
C LEU B 164 41.42 -16.13 15.19
N LEU B 165 40.89 -16.98 14.29
CA LEU B 165 39.92 -17.98 14.65
C LEU B 165 40.62 -19.15 15.34
N THR B 166 39.92 -19.78 16.30
CA THR B 166 40.34 -21.07 16.82
C THR B 166 39.25 -22.08 16.48
N ALA B 167 39.51 -23.36 16.68
CA ALA B 167 38.63 -24.39 16.16
C ALA B 167 37.26 -24.40 16.86
N GLY B 168 37.14 -24.10 18.15
CA GLY B 168 35.81 -24.32 18.73
C GLY B 168 34.91 -23.08 18.68
N THR B 169 34.30 -22.81 19.82
CA THR B 169 33.64 -21.55 20.09
C THR B 169 34.64 -20.41 20.03
N ASN B 170 34.26 -19.30 19.40
CA ASN B 170 35.12 -18.13 19.27
C ASN B 170 34.45 -16.99 20.02
N THR B 171 35.24 -16.00 20.46
CA THR B 171 34.69 -14.87 21.20
C THR B 171 34.88 -13.59 20.38
N LEU B 172 33.81 -12.80 20.31
CA LEU B 172 33.81 -11.50 19.64
C LEU B 172 33.47 -10.44 20.66
N VAL B 173 34.36 -9.43 20.79
CA VAL B 173 34.18 -8.26 21.63
C VAL B 173 34.28 -7.03 20.74
N VAL B 174 33.31 -6.10 20.89
CA VAL B 174 33.30 -4.85 20.16
C VAL B 174 33.09 -3.73 21.16
N SER B 175 33.95 -2.70 21.12
CA SER B 175 33.68 -1.44 21.82
C SER B 175 33.27 -0.40 20.79
N VAL B 176 32.32 0.44 21.21
CA VAL B 176 31.83 1.53 20.38
C VAL B 176 31.74 2.77 21.24
N TRP B 177 32.46 3.83 20.80
CA TRP B 177 32.42 5.15 21.40
C TRP B 177 31.66 6.08 20.46
N ASP B 178 30.78 6.90 21.03
CA ASP B 178 30.05 7.84 20.21
C ASP B 178 29.89 9.16 20.97
N PRO B 179 30.54 10.26 20.53
CA PRO B 179 30.38 11.56 21.19
C PRO B 179 29.16 12.37 20.80
N THR B 180 28.41 11.85 19.81
CA THR B 180 27.30 12.56 19.19
C THR B 180 27.74 14.00 18.91
N GLU B 181 26.99 15.03 19.30
CA GLU B 181 27.28 16.39 18.86
C GLU B 181 28.47 17.06 19.58
N THR B 182 29.04 16.43 20.62
CA THR B 182 30.20 16.97 21.29
C THR B 182 31.44 16.76 20.44
N GLY B 183 31.39 15.80 19.52
CA GLY B 183 32.50 15.62 18.61
C GLY B 183 32.30 16.40 17.30
N THR B 184 33.28 16.23 16.39
CA THR B 184 33.36 17.02 15.18
C THR B 184 32.98 16.16 13.97
N GLN B 185 32.32 15.01 14.22
CA GLN B 185 32.02 14.03 13.19
C GLN B 185 30.60 14.22 12.63
N ALA B 186 30.34 13.60 11.48
CA ALA B 186 28.99 13.50 10.91
C ALA B 186 28.00 12.90 11.91
N VAL B 187 26.91 13.63 12.21
CA VAL B 187 25.95 13.23 13.23
C VAL B 187 24.49 13.41 12.79
N GLY B 188 24.22 14.26 11.80
CA GLY B 188 22.85 14.44 11.35
C GLY B 188 21.97 15.02 12.47
N LYS B 189 20.80 14.40 12.68
CA LYS B 189 19.80 14.92 13.60
C LYS B 189 20.01 14.42 15.04
N GLN B 190 20.99 13.54 15.25
CA GLN B 190 21.24 12.96 16.55
C GLN B 190 21.71 13.99 17.57
N ARG B 191 21.11 13.96 18.76
CA ARG B 191 21.58 14.75 19.89
C ARG B 191 21.45 13.95 21.19
N ILE B 192 22.41 14.12 22.12
CA ILE B 192 22.34 13.46 23.40
C ILE B 192 21.10 13.96 24.15
N ARG B 193 20.12 13.07 24.34
CA ARG B 193 18.81 13.40 24.89
C ARG B 193 18.39 12.31 25.87
N ASP B 194 17.63 12.69 26.90
CA ASP B 194 16.93 11.74 27.75
C ASP B 194 15.97 11.01 26.83
N VAL B 195 15.86 9.70 26.99
CA VAL B 195 15.24 8.86 25.99
C VAL B 195 13.71 8.87 26.09
N ALA B 196 13.13 9.17 27.26
CA ALA B 196 11.68 9.22 27.36
C ALA B 196 11.11 10.39 26.56
N PRO B 197 9.92 10.22 25.92
CA PRO B 197 9.22 11.33 25.27
C PRO B 197 9.14 12.54 26.18
N HIS B 198 9.34 13.72 25.62
CA HIS B 198 9.39 14.95 26.39
C HIS B 198 8.77 16.04 25.53
N PRO B 199 8.36 17.19 26.10
CA PRO B 199 8.00 18.33 25.28
C PRO B 199 9.25 18.94 24.66
N GLY B 200 9.04 19.80 23.67
CA GLY B 200 10.12 20.47 22.96
C GLY B 200 11.03 19.51 22.19
N GLY B 201 12.27 19.96 21.96
CA GLY B 201 13.26 19.19 21.20
C GLY B 201 13.56 19.83 19.84
N GLY B 202 12.57 20.55 19.27
CA GLY B 202 12.71 21.18 17.97
C GLY B 202 12.92 20.13 16.87
N ILE B 203 13.90 20.38 15.98
CA ILE B 203 14.10 19.55 14.81
C ILE B 203 15.23 18.53 15.04
N LEU B 204 15.66 18.36 16.30
CA LEU B 204 16.73 17.46 16.66
C LEU B 204 16.16 16.37 17.55
N TYR B 205 16.71 15.14 17.43
CA TYR B 205 16.06 13.96 17.97
C TYR B 205 17.01 13.11 18.80
N THR B 206 16.47 12.01 19.35
CA THR B 206 17.21 11.04 20.14
C THR B 206 18.45 10.57 19.36
N ALA B 207 19.57 10.47 20.08
CA ALA B 207 20.81 9.97 19.49
C ALA B 207 20.77 8.47 19.22
N ALA B 208 21.71 7.99 18.39
CA ALA B 208 21.88 6.60 18.04
C ALA B 208 23.33 6.22 18.30
N SER B 209 23.60 5.39 19.31
CA SER B 209 24.96 5.03 19.72
C SER B 209 25.08 3.52 19.69
N GLY B 210 26.05 3.02 18.94
CA GLY B 210 26.33 1.59 18.92
C GLY B 210 26.10 0.98 17.55
N ILE B 211 26.04 -0.35 17.56
CA ILE B 211 25.89 -1.12 16.33
C ILE B 211 24.43 -1.03 15.90
N TRP B 212 24.13 -0.50 14.69
CA TRP B 212 22.73 -0.35 14.31
C TRP B 212 22.32 -1.00 12.99
N GLN B 213 23.23 -1.79 12.41
CA GLN B 213 22.98 -2.54 11.21
C GLN B 213 23.52 -3.93 11.44
N THR B 214 23.05 -4.87 10.64
CA THR B 214 23.41 -6.27 10.82
C THR B 214 24.94 -6.43 10.83
N VAL B 215 25.38 -7.33 11.73
CA VAL B 215 26.72 -7.89 11.84
C VAL B 215 26.66 -9.33 11.33
N TRP B 216 27.65 -9.71 10.52
CA TRP B 216 27.60 -11.00 9.84
C TRP B 216 28.98 -11.45 9.38
N LEU B 217 29.06 -12.75 9.05
CA LEU B 217 30.27 -13.38 8.53
C LEU B 217 29.96 -13.91 7.14
N GLU B 218 30.98 -13.94 6.31
CA GLU B 218 30.94 -14.69 5.08
C GLU B 218 32.34 -15.20 4.76
N PRO B 219 32.41 -16.37 4.12
CA PRO B 219 33.66 -16.88 3.56
C PRO B 219 33.90 -16.40 2.14
N THR B 220 35.19 -16.13 1.80
CA THR B 220 35.62 -15.80 0.46
C THR B 220 36.93 -16.52 0.18
N ALA B 221 37.16 -16.81 -1.09
CA ALA B 221 38.52 -17.04 -1.57
C ALA B 221 39.42 -15.87 -1.15
N ALA B 222 40.71 -16.17 -0.99
CA ALA B 222 41.72 -15.17 -0.67
C ALA B 222 41.68 -14.04 -1.70
N ALA B 223 41.69 -14.43 -2.98
CA ALA B 223 41.52 -13.58 -4.14
C ALA B 223 40.02 -13.44 -4.43
N HIS B 224 39.44 -12.28 -4.13
CA HIS B 224 37.99 -12.14 -4.18
C HIS B 224 37.57 -10.72 -4.58
N VAL B 225 36.33 -10.63 -5.08
CA VAL B 225 35.73 -9.37 -5.44
C VAL B 225 35.32 -8.65 -4.17
N THR B 226 35.62 -7.34 -4.11
CA THR B 226 35.20 -6.51 -3.00
C THR B 226 34.20 -5.45 -3.45
N ARG B 227 34.18 -5.13 -4.73
CA ARG B 227 33.33 -4.07 -5.22
C ARG B 227 33.09 -4.28 -6.70
N LEU B 228 31.83 -4.03 -7.12
CA LEU B 228 31.41 -4.13 -8.50
C LEU B 228 30.73 -2.82 -8.85
N ASP B 229 31.36 -1.98 -9.69
CA ASP B 229 30.82 -0.70 -10.10
C ASP B 229 30.07 -0.90 -11.42
N LEU B 230 28.71 -0.84 -11.40
CA LEU B 230 27.92 -1.03 -12.60
C LEU B 230 27.32 0.30 -13.03
N VAL B 231 27.76 0.81 -14.18
CA VAL B 231 27.33 2.10 -14.71
C VAL B 231 26.61 1.89 -16.04
N PRO B 232 25.27 1.98 -16.05
CA PRO B 232 24.51 1.90 -17.29
C PRO B 232 24.88 2.93 -18.34
N ASP B 233 24.92 2.45 -19.60
CA ASP B 233 25.08 3.30 -20.77
C ASP B 233 24.05 2.86 -21.79
N PRO B 234 22.74 2.97 -21.48
CA PRO B 234 21.72 2.51 -22.41
C PRO B 234 21.76 3.18 -23.79
N ALA B 235 22.27 4.42 -23.86
CA ALA B 235 22.32 5.10 -25.15
C ALA B 235 23.14 4.25 -26.13
N ASN B 236 24.14 3.54 -25.62
CA ASN B 236 25.01 2.72 -26.45
C ASN B 236 24.75 1.22 -26.24
N SER B 237 23.54 0.87 -25.76
CA SER B 237 23.13 -0.50 -25.53
C SER B 237 24.22 -1.32 -24.84
N ARG B 238 24.72 -0.80 -23.71
CA ARG B 238 25.74 -1.53 -22.98
C ARG B 238 25.77 -1.11 -21.51
N LEU B 239 26.44 -1.96 -20.72
CA LEU B 239 26.70 -1.75 -19.30
C LEU B 239 28.21 -1.59 -19.12
N LYS B 240 28.58 -0.51 -18.46
CA LYS B 240 29.97 -0.29 -18.12
C LYS B 240 30.23 -0.91 -16.75
N VAL B 241 31.31 -1.68 -16.65
CA VAL B 241 31.59 -2.39 -15.43
C VAL B 241 33.08 -2.23 -15.05
N THR B 242 33.31 -2.04 -13.74
CA THR B 242 34.64 -2.19 -13.18
C THR B 242 34.55 -3.18 -12.01
N VAL B 243 35.22 -4.32 -12.16
CA VAL B 243 35.33 -5.33 -11.13
C VAL B 243 36.56 -4.98 -10.29
N ARG B 244 36.40 -4.98 -8.96
CA ARG B 244 37.49 -4.60 -8.09
C ARG B 244 37.61 -5.60 -6.95
N GLY B 245 38.84 -5.79 -6.44
CA GLY B 245 38.93 -6.61 -5.25
C GLY B 245 40.35 -6.75 -4.70
N ALA B 246 40.51 -7.86 -3.99
CA ALA B 246 41.73 -8.18 -3.29
C ALA B 246 42.42 -9.31 -4.04
N GLY B 247 43.65 -9.06 -4.47
CA GLY B 247 44.46 -10.12 -5.02
C GLY B 247 44.08 -10.46 -6.47
N ILE B 248 43.22 -9.68 -7.12
CA ILE B 248 42.74 -10.01 -8.46
C ILE B 248 43.14 -8.95 -9.49
N SER B 249 44.01 -8.00 -9.13
CA SER B 249 44.34 -6.92 -10.07
C SER B 249 45.06 -7.45 -11.31
N GLY B 250 45.74 -8.58 -11.25
CA GLY B 250 46.34 -9.06 -12.50
C GLY B 250 45.35 -9.66 -13.53
N HIS B 251 44.08 -9.83 -13.15
CA HIS B 251 43.29 -10.91 -13.72
C HIS B 251 42.24 -10.36 -14.69
N GLN B 252 41.71 -11.24 -15.54
CA GLN B 252 40.53 -10.97 -16.33
C GLN B 252 39.31 -11.37 -15.51
N ALA B 253 38.14 -10.90 -15.95
CA ALA B 253 36.86 -11.21 -15.34
C ALA B 253 35.79 -11.34 -16.42
N ARG B 254 34.89 -12.30 -16.24
CA ARG B 254 33.71 -12.40 -17.09
C ARG B 254 32.53 -11.80 -16.32
N VAL B 255 31.81 -10.91 -17.03
CA VAL B 255 30.60 -10.29 -16.53
C VAL B 255 29.47 -10.59 -17.51
N THR B 256 28.37 -11.12 -16.96
CA THR B 256 27.20 -11.51 -17.74
C THR B 256 25.95 -10.80 -17.20
N VAL B 257 25.16 -10.30 -18.13
CA VAL B 257 23.88 -9.67 -17.86
C VAL B 257 22.80 -10.62 -18.37
N SER B 258 21.77 -10.85 -17.56
CA SER B 258 20.71 -11.78 -17.90
C SER B 258 19.39 -11.32 -17.28
N THR B 259 18.29 -11.98 -17.71
CA THR B 259 17.00 -11.77 -17.12
C THR B 259 16.25 -13.09 -17.22
N GLY B 260 15.72 -13.55 -16.09
CA GLY B 260 14.89 -14.75 -16.05
C GLY B 260 15.59 -15.95 -16.68
N GLY B 261 16.93 -16.03 -16.57
CA GLY B 261 17.66 -17.20 -17.02
C GLY B 261 18.16 -17.07 -18.45
N THR B 262 17.74 -16.01 -19.15
CA THR B 262 18.20 -15.72 -20.50
C THR B 262 19.38 -14.76 -20.44
N THR B 263 20.52 -15.17 -21.00
CA THR B 263 21.68 -14.31 -21.12
C THR B 263 21.38 -13.25 -22.18
N VAL B 264 21.55 -11.97 -21.81
CA VAL B 264 21.37 -10.88 -22.75
C VAL B 264 22.71 -10.42 -23.33
N GLY B 265 23.77 -10.44 -22.52
CA GLY B 265 25.10 -10.11 -22.99
C GLY B 265 26.17 -10.58 -22.00
N THR B 266 27.39 -10.81 -22.52
CA THR B 266 28.51 -11.18 -21.69
C THR B 266 29.79 -10.60 -22.31
N ALA B 267 30.82 -10.40 -21.49
CA ALA B 267 32.11 -9.97 -21.96
C ALA B 267 33.12 -10.27 -20.87
N THR B 268 34.39 -10.33 -21.29
CA THR B 268 35.52 -10.48 -20.38
C THR B 268 36.38 -9.23 -20.55
N GLY B 269 36.99 -8.79 -19.45
CA GLY B 269 37.92 -7.69 -19.51
C GLY B 269 38.74 -7.63 -18.23
N PRO B 270 39.62 -6.62 -18.14
CA PRO B 270 40.59 -6.59 -17.05
C PRO B 270 39.94 -6.15 -15.74
N VAL B 271 40.31 -6.80 -14.64
CA VAL B 271 39.93 -6.32 -13.32
C VAL B 271 40.56 -4.95 -13.08
N GLY B 272 39.79 -4.03 -12.48
CA GLY B 272 40.30 -2.74 -12.05
C GLY B 272 40.27 -1.72 -13.18
N THR B 273 39.77 -2.10 -14.35
CA THR B 273 39.64 -1.19 -15.48
C THR B 273 38.21 -1.26 -16.01
N GLU B 274 37.57 -0.12 -16.31
CA GLU B 274 36.20 -0.15 -16.84
C GLU B 274 36.17 -0.83 -18.23
N PHE B 275 35.25 -1.78 -18.44
CA PHE B 275 35.01 -2.36 -19.76
C PHE B 275 33.48 -2.46 -19.93
N THR B 276 33.00 -2.90 -21.09
CA THR B 276 31.57 -2.87 -21.33
C THR B 276 31.06 -4.26 -21.65
N VAL B 277 29.78 -4.45 -21.29
CA VAL B 277 29.03 -5.66 -21.58
C VAL B 277 27.82 -5.26 -22.43
N PRO B 278 27.55 -5.94 -23.56
CA PRO B 278 26.41 -5.58 -24.41
C PRO B 278 25.10 -5.85 -23.69
N VAL B 279 24.14 -4.91 -23.83
CA VAL B 279 22.76 -5.11 -23.35
C VAL B 279 21.85 -4.67 -24.48
N PRO B 280 21.62 -5.50 -25.52
CA PRO B 280 20.84 -5.06 -26.67
C PRO B 280 19.38 -4.79 -26.28
N ASN B 281 18.74 -3.82 -26.96
CA ASN B 281 17.35 -3.47 -26.76
C ASN B 281 17.06 -3.32 -25.27
N PRO B 282 17.80 -2.49 -24.50
CA PRO B 282 17.66 -2.50 -23.04
C PRO B 282 16.26 -2.05 -22.63
N ARG B 283 15.71 -2.74 -21.64
CA ARG B 283 14.49 -2.33 -20.95
C ARG B 283 14.94 -1.38 -19.85
N LEU B 284 14.55 -0.11 -19.95
CA LEU B 284 15.08 0.94 -19.09
C LEU B 284 14.45 0.84 -17.72
N TRP B 285 15.22 1.19 -16.72
CA TRP B 285 14.70 1.37 -15.37
C TRP B 285 14.11 2.78 -15.26
N THR B 286 12.87 2.85 -14.76
CA THR B 286 12.22 4.12 -14.39
C THR B 286 11.45 3.86 -13.10
N PRO B 287 11.04 4.92 -12.37
CA PRO B 287 10.13 4.72 -11.25
C PRO B 287 8.86 3.96 -11.60
N GLU B 288 8.36 4.16 -12.81
CA GLU B 288 7.16 3.46 -13.25
C GLU B 288 7.46 2.00 -13.63
N ASP B 289 8.65 1.72 -14.19
CA ASP B 289 9.01 0.35 -14.55
C ASP B 289 10.41 0.08 -14.01
N PRO B 290 10.56 -0.27 -12.72
CA PRO B 290 11.90 -0.41 -12.12
C PRO B 290 12.55 -1.76 -12.43
N PHE B 291 12.73 -2.01 -13.74
CA PHE B 291 13.24 -3.30 -14.20
C PHE B 291 14.71 -3.44 -13.84
N LEU B 292 15.05 -4.61 -13.27
CA LEU B 292 16.38 -4.93 -12.84
C LEU B 292 16.84 -6.18 -13.58
N TYR B 293 17.97 -6.07 -14.28
CA TYR B 293 18.64 -7.21 -14.86
C TYR B 293 19.55 -7.87 -13.82
N ASP B 294 19.71 -9.19 -13.94
CA ASP B 294 20.69 -9.92 -13.15
C ASP B 294 22.07 -9.71 -13.75
N VAL B 295 23.07 -9.67 -12.86
CA VAL B 295 24.46 -9.56 -13.27
C VAL B 295 25.24 -10.57 -12.46
N ARG B 296 26.22 -11.24 -13.09
CA ARG B 296 27.16 -12.09 -12.40
C ARG B 296 28.58 -11.68 -12.82
N ALA B 297 29.51 -11.66 -11.86
CA ALA B 297 30.89 -11.34 -12.19
C ALA B 297 31.80 -12.40 -11.60
N ASP B 298 32.77 -12.86 -12.40
CA ASP B 298 33.63 -13.98 -12.04
C ASP B 298 35.05 -13.62 -12.45
N PRO B 299 35.96 -13.31 -11.50
CA PRO B 299 37.37 -13.13 -11.83
C PRO B 299 37.90 -14.51 -12.24
N LEU B 300 38.74 -14.53 -13.28
CA LEU B 300 39.27 -15.77 -13.85
C LEU B 300 40.75 -15.95 -13.52
N SER B 301 41.17 -17.21 -13.33
CA SER B 301 42.60 -17.52 -13.36
C SER B 301 42.87 -18.79 -14.19
N ASP B 307 36.38 -16.86 -7.46
CA ASP B 307 35.26 -16.16 -6.77
C ASP B 307 34.14 -15.89 -7.78
N SER B 308 32.91 -15.79 -7.28
CA SER B 308 31.77 -15.46 -8.11
C SER B 308 30.78 -14.67 -7.26
N VAL B 309 30.29 -13.55 -7.83
CA VAL B 309 29.33 -12.71 -7.12
C VAL B 309 28.10 -12.44 -8.00
N GLY B 310 26.96 -12.35 -7.32
CA GLY B 310 25.69 -12.00 -7.96
C GLY B 310 25.42 -10.52 -7.74
N SER B 311 24.76 -9.87 -8.71
CA SER B 311 24.40 -8.48 -8.57
C SER B 311 23.20 -8.21 -9.46
N TYR B 312 22.90 -6.93 -9.68
CA TYR B 312 21.84 -6.57 -10.59
C TYR B 312 22.08 -5.13 -11.01
N THR B 313 21.44 -4.70 -12.10
CA THR B 313 21.51 -3.32 -12.55
C THR B 313 20.14 -2.88 -13.06
N GLY B 314 19.82 -1.59 -12.87
CA GLY B 314 18.72 -0.95 -13.56
C GLY B 314 19.30 -0.02 -14.61
N ARG B 316 19.55 2.84 -16.52
CA ARG B 316 19.07 4.22 -16.43
C ARG B 316 20.27 5.18 -16.45
N THR B 317 20.01 6.41 -16.92
CA THR B 317 20.95 7.51 -16.82
C THR B 317 20.24 8.69 -16.20
N ILE B 318 21.03 9.50 -15.47
CA ILE B 318 20.63 10.80 -14.99
C ILE B 318 21.73 11.78 -15.40
N ALA B 319 21.34 12.98 -15.84
CA ALA B 319 22.28 14.00 -16.30
C ALA B 319 21.51 15.31 -16.29
N LEU B 320 22.20 16.43 -16.51
CA LEU B 320 21.55 17.70 -16.78
C LEU B 320 21.59 17.93 -18.28
N ALA B 321 20.50 18.42 -18.89
CA ALA B 321 20.49 18.75 -20.29
C ALA B 321 19.55 19.93 -20.50
N SER B 322 19.69 20.60 -21.63
CA SER B 322 18.82 21.69 -21.98
C SER B 322 17.56 21.10 -22.62
N VAL B 323 16.40 21.38 -22.02
CA VAL B 323 15.13 20.87 -22.51
C VAL B 323 14.15 22.04 -22.55
N GLY B 324 13.65 22.36 -23.74
CA GLY B 324 12.75 23.50 -23.89
C GLY B 324 13.40 24.84 -23.51
N GLY B 325 14.75 24.92 -23.56
CA GLY B 325 15.47 26.14 -23.20
C GLY B 325 15.83 26.24 -21.70
N HIS B 326 15.41 25.27 -20.89
CA HIS B 326 15.72 25.25 -19.48
C HIS B 326 16.69 24.10 -19.18
N GLN B 327 17.62 24.34 -18.25
CA GLN B 327 18.42 23.27 -17.69
C GLN B 327 17.49 22.36 -16.86
N ARG B 328 17.46 21.07 -17.17
CA ARG B 328 16.61 20.12 -16.45
C ARG B 328 17.37 18.83 -16.15
N PRO B 329 17.04 18.13 -15.04
CA PRO B 329 17.50 16.77 -14.80
C PRO B 329 16.76 15.85 -15.76
N VAL B 330 17.52 15.09 -16.54
CA VAL B 330 16.94 14.20 -17.53
C VAL B 330 17.25 12.77 -17.11
N LEU B 331 16.17 11.98 -17.01
CA LEU B 331 16.21 10.55 -16.74
C LEU B 331 16.03 9.82 -18.08
N ASN B 332 17.03 9.01 -18.46
CA ASN B 332 17.04 8.31 -19.73
C ASN B 332 16.78 9.29 -20.87
N GLY B 333 17.37 10.49 -20.77
CA GLY B 333 17.36 11.43 -21.87
C GLY B 333 16.13 12.34 -21.90
N LYS B 334 15.21 12.20 -20.92
CA LYS B 334 13.97 12.96 -20.90
C LYS B 334 13.79 13.59 -19.54
N PHE B 335 13.24 14.80 -19.55
CA PHE B 335 12.88 15.44 -18.30
C PHE B 335 11.60 14.83 -17.74
N VAL B 336 11.64 14.56 -16.44
CA VAL B 336 10.46 14.26 -15.64
C VAL B 336 10.66 14.98 -14.32
N PHE B 337 9.61 15.66 -13.87
CA PHE B 337 9.64 16.36 -12.59
C PHE B 337 9.78 15.34 -11.46
N GLN B 338 10.66 15.64 -10.52
CA GLN B 338 10.89 14.71 -9.43
C GLN B 338 10.13 15.24 -8.22
N THR B 339 8.98 14.62 -7.89
CA THR B 339 8.15 15.07 -6.79
C THR B 339 8.39 14.05 -5.69
N GLY B 340 9.00 14.51 -4.60
CA GLY B 340 9.44 13.62 -3.54
C GLY B 340 9.06 14.15 -2.17
N THR B 341 9.45 13.36 -1.16
CA THR B 341 9.31 13.75 0.23
C THR B 341 10.66 13.64 0.92
N LEU B 342 10.75 14.37 2.01
CA LEU B 342 11.85 14.24 2.94
C LEU B 342 11.58 13.07 3.91
N ASP B 343 12.59 12.23 4.05
CA ASP B 343 12.48 11.04 4.85
C ASP B 343 13.71 10.99 5.76
N GLN B 344 13.47 11.15 7.06
CA GLN B 344 14.58 11.26 8.01
C GLN B 344 15.03 9.92 8.59
N GLY B 345 14.30 8.84 8.31
CA GLY B 345 14.70 7.51 8.70
C GLY B 345 14.66 7.25 10.21
N TYR B 346 13.73 7.88 10.94
CA TYR B 346 13.69 7.75 12.39
C TYR B 346 12.52 6.87 12.79
N TRP B 347 12.72 6.08 13.86
CA TRP B 347 11.77 5.09 14.32
C TRP B 347 11.53 5.28 15.81
N PRO B 348 10.28 5.32 16.32
CA PRO B 348 10.09 5.55 17.74
C PRO B 348 10.60 4.36 18.56
N ASP B 349 10.58 3.17 17.98
CA ASP B 349 10.89 1.94 18.67
C ASP B 349 12.39 1.62 18.49
N GLY B 350 12.91 1.84 17.28
CA GLY B 350 14.24 1.41 16.91
C GLY B 350 15.24 2.58 16.78
N ILE B 351 14.76 3.83 16.86
CA ILE B 351 15.56 5.03 16.64
C ILE B 351 16.15 5.02 15.23
N TYR B 352 17.38 4.50 15.01
CA TYR B 352 17.95 4.52 13.67
C TYR B 352 17.67 3.23 12.90
N THR B 353 17.17 2.18 13.55
CA THR B 353 17.02 0.90 12.89
C THR B 353 15.52 0.55 12.79
N ALA B 354 15.04 0.35 11.55
CA ALA B 354 13.70 -0.17 11.32
C ALA B 354 13.55 -1.52 12.01
N PRO B 355 12.42 -1.78 12.71
CA PRO B 355 12.28 -3.02 13.44
C PRO B 355 12.40 -4.32 12.64
N THR B 356 11.88 -4.30 11.41
CA THR B 356 11.90 -5.45 10.51
C THR B 356 12.16 -4.94 9.09
N ASP B 357 12.42 -5.87 8.17
CA ASP B 357 12.61 -5.49 6.77
C ASP B 357 11.31 -4.93 6.17
N ALA B 358 10.14 -5.46 6.56
CA ALA B 358 8.86 -4.93 6.11
C ALA B 358 8.69 -3.49 6.57
N ALA B 359 9.16 -3.17 7.77
CA ALA B 359 9.13 -1.79 8.25
C ALA B 359 10.01 -0.86 7.40
N LEU B 360 11.24 -1.31 7.13
CA LEU B 360 12.21 -0.55 6.34
C LEU B 360 11.60 -0.19 4.99
N ARG B 361 10.99 -1.17 4.30
CA ARG B 361 10.43 -0.98 2.98
C ARG B 361 9.12 -0.17 3.02
N HIS B 362 8.40 -0.22 4.15
CA HIS B 362 7.07 0.42 4.23
C HIS B 362 7.12 1.90 3.88
N ASP B 363 8.09 2.63 4.39
CA ASP B 363 8.13 4.06 4.20
C ASP B 363 8.29 4.38 2.70
N LEU B 364 9.06 3.55 2.01
CA LEU B 364 9.21 3.69 0.57
C LEU B 364 7.91 3.33 -0.18
N GLN B 365 7.23 2.28 0.23
CA GLN B 365 5.96 1.89 -0.37
C GLN B 365 4.96 3.02 -0.23
N LYS B 366 4.98 3.74 0.91
CA LYS B 366 4.02 4.85 1.09
C LYS B 366 4.31 5.99 0.11
N HIS B 367 5.59 6.23 -0.21
CA HIS B 367 5.90 7.17 -1.28
C HIS B 367 5.19 6.78 -2.56
N LYS B 368 5.33 5.51 -2.93
CA LYS B 368 4.73 4.98 -4.14
C LYS B 368 3.21 5.13 -4.10
N ASP B 369 2.58 4.76 -2.96
CA ASP B 369 1.13 4.81 -2.84
C ASP B 369 0.60 6.24 -3.04
N LEU B 370 1.35 7.25 -2.57
CA LEU B 370 0.93 8.63 -2.64
C LEU B 370 1.38 9.31 -3.95
N GLY B 371 1.97 8.53 -4.88
CA GLY B 371 2.28 9.03 -6.20
C GLY B 371 3.61 9.73 -6.33
N PHE B 372 4.43 9.73 -5.27
CA PHE B 372 5.76 10.35 -5.36
C PHE B 372 6.68 9.49 -6.22
N ASN B 373 7.58 10.11 -6.99
CA ASN B 373 8.59 9.35 -7.75
C ASN B 373 10.01 9.52 -7.21
N VAL B 375 12.55 10.31 -3.29
CA VAL B 375 12.73 10.44 -1.86
C VAL B 375 14.10 11.10 -1.60
N ARG B 376 14.10 12.11 -0.71
CA ARG B 376 15.35 12.66 -0.21
C ARG B 376 15.62 12.11 1.21
N LYS B 377 16.66 11.27 1.32
CA LYS B 377 17.04 10.68 2.58
C LYS B 377 17.86 11.74 3.33
N HIS B 378 17.32 12.20 4.47
CA HIS B 378 17.80 13.42 5.10
C HIS B 378 18.87 13.16 6.17
N ILE B 379 20.08 13.69 5.90
CA ILE B 379 21.29 13.59 6.73
C ILE B 379 21.32 12.30 7.55
N LYS B 380 21.12 11.21 6.81
CA LYS B 380 21.27 9.85 7.27
C LYS B 380 21.51 8.97 6.05
N VAL B 381 22.40 7.98 6.18
CA VAL B 381 22.60 6.94 5.17
C VAL B 381 22.01 5.63 5.69
N GLU B 382 21.04 5.06 4.96
CA GLU B 382 20.37 3.84 5.39
C GLU B 382 21.22 2.61 5.05
N PRO B 383 20.89 1.44 5.62
CA PRO B 383 21.50 0.17 5.18
C PRO B 383 21.30 -0.10 3.69
N GLN B 384 22.17 -0.97 3.16
CA GLN B 384 22.10 -1.38 1.77
C GLN B 384 20.71 -1.92 1.42
N ARG B 385 20.01 -2.62 2.33
CA ARG B 385 18.70 -3.14 1.96
C ARG B 385 17.69 -2.04 1.62
N TRP B 386 17.86 -0.85 2.20
CA TRP B 386 16.99 0.26 1.85
C TRP B 386 17.18 0.69 0.40
N PHE B 387 18.45 0.70 -0.05
CA PHE B 387 18.74 1.04 -1.43
C PHE B 387 18.17 -0.03 -2.36
N TYR B 388 18.27 -1.31 -1.95
CA TYR B 388 17.67 -2.42 -2.68
C TYR B 388 16.15 -2.20 -2.85
N TRP B 389 15.49 -1.75 -1.78
CA TRP B 389 14.05 -1.51 -1.84
C TRP B 389 13.72 -0.33 -2.76
N ALA B 390 14.50 0.76 -2.71
CA ALA B 390 14.26 1.86 -3.64
C ALA B 390 14.48 1.43 -5.10
N ASP B 391 15.53 0.64 -5.33
CA ASP B 391 15.85 0.06 -6.62
C ASP B 391 14.69 -0.80 -7.14
N ARG B 392 14.14 -1.65 -6.28
CA ARG B 392 13.09 -2.58 -6.66
C ARG B 392 11.70 -1.93 -6.79
N LEU B 393 11.32 -1.05 -5.87
CA LEU B 393 10.01 -0.39 -5.87
C LEU B 393 9.95 0.73 -6.91
N GLY B 394 11.09 1.38 -7.20
CA GLY B 394 11.12 2.38 -8.25
C GLY B 394 10.94 3.80 -7.71
N LEU B 395 11.94 4.26 -6.94
CA LEU B 395 11.96 5.65 -6.47
C LEU B 395 13.33 6.19 -6.77
N LEU B 396 13.36 7.42 -7.30
CA LEU B 396 14.59 8.17 -7.41
C LEU B 396 15.02 8.55 -5.98
N VAL B 397 16.34 8.50 -5.74
CA VAL B 397 16.89 8.77 -4.43
C VAL B 397 17.87 9.93 -4.54
N TRP B 398 17.66 10.91 -3.66
CA TRP B 398 18.66 11.91 -3.33
C TRP B 398 19.25 11.56 -1.98
N GLN B 399 20.59 11.48 -1.92
CA GLN B 399 21.28 11.07 -0.71
C GLN B 399 22.03 12.26 -0.12
N ASP B 400 21.63 12.68 1.07
CA ASP B 400 22.42 13.68 1.80
C ASP B 400 23.62 13.00 2.47
N PRO B 402 25.46 13.05 5.82
CA PRO B 402 25.13 13.62 7.14
C PRO B 402 26.12 14.72 7.55
N ASN B 403 25.56 15.80 8.13
CA ASN B 403 26.32 16.99 8.50
C ASN B 403 26.96 16.85 9.87
N GLU B 405 28.11 19.14 13.31
CA GLU B 405 27.34 20.09 14.10
C GLU B 405 27.91 21.49 14.02
N ARG B 406 29.19 21.67 13.67
CA ARG B 406 29.85 22.97 13.70
C ARG B 406 31.02 22.97 12.71
N THR B 407 31.58 24.16 12.42
CA THR B 407 32.65 24.30 11.45
C THR B 407 33.75 23.29 11.79
N PRO B 408 34.15 22.43 10.85
CA PRO B 408 35.23 21.48 11.07
C PRO B 408 36.64 22.05 11.04
N ASP B 409 37.47 21.60 11.97
CA ASP B 409 38.91 21.83 11.91
C ASP B 409 39.58 20.83 10.96
N ALA B 410 40.93 20.87 10.89
CA ALA B 410 41.65 20.21 9.83
C ALA B 410 41.40 18.70 9.87
N ALA B 411 41.52 18.09 11.06
CA ALA B 411 41.33 16.65 11.24
C ALA B 411 39.88 16.24 10.93
N ALA B 412 38.91 17.07 11.34
CA ALA B 412 37.48 16.83 11.10
C ALA B 412 37.16 16.81 9.62
N ARG B 413 37.80 17.69 8.83
CA ARG B 413 37.58 17.77 7.40
C ARG B 413 38.12 16.50 6.74
N THR B 414 39.36 16.11 7.08
CA THR B 414 39.90 14.86 6.56
C THR B 414 38.96 13.68 6.84
N GLN B 415 38.49 13.58 8.08
CA GLN B 415 37.65 12.45 8.49
C GLN B 415 36.30 12.46 7.77
N TRP B 416 35.62 13.62 7.70
CA TRP B 416 34.33 13.69 7.02
C TRP B 416 34.45 13.34 5.53
N GLU B 417 35.54 13.80 4.90
CA GLU B 417 35.80 13.47 3.50
C GLU B 417 36.12 11.98 3.29
N ALA B 418 36.79 11.35 4.26
CA ALA B 418 37.07 9.92 4.20
C ALA B 418 35.76 9.12 4.29
N GLU B 419 34.89 9.51 5.23
CA GLU B 419 33.57 8.89 5.34
C GLU B 419 32.77 9.06 4.04
N TYR B 420 32.74 10.27 3.48
CA TYR B 420 31.97 10.53 2.26
C TYR B 420 32.50 9.69 1.09
N ASP B 421 33.84 9.63 0.95
CA ASP B 421 34.46 8.82 -0.10
C ASP B 421 33.97 7.38 -0.03
N ARG B 422 33.91 6.82 1.19
CA ARG B 422 33.57 5.42 1.35
C ARG B 422 32.08 5.25 1.01
N ILE B 423 31.26 6.20 1.48
CA ILE B 423 29.83 6.18 1.17
C ILE B 423 29.57 6.25 -0.33
N ILE B 424 30.25 7.15 -1.07
CA ILE B 424 30.14 7.15 -2.53
C ILE B 424 30.55 5.79 -3.12
N ASP B 425 31.72 5.30 -2.72
CA ASP B 425 32.22 4.05 -3.28
C ASP B 425 31.29 2.85 -3.03
N GLN B 426 30.54 2.85 -1.92
CA GLN B 426 29.64 1.78 -1.54
C GLN B 426 28.31 1.83 -2.29
N HIS B 427 28.01 2.88 -3.07
CA HIS B 427 26.68 3.04 -3.67
C HIS B 427 26.75 3.32 -5.17
N ARG B 428 27.88 3.03 -5.83
CA ARG B 428 28.02 3.35 -7.25
C ARG B 428 27.00 2.65 -8.16
N SER B 429 26.52 1.46 -7.80
CA SER B 429 25.73 0.62 -8.71
C SER B 429 24.22 0.77 -8.52
N SER B 430 23.76 1.56 -7.55
CA SER B 430 22.33 1.66 -7.26
C SER B 430 21.61 2.44 -8.35
N PRO B 431 20.61 1.86 -9.08
CA PRO B 431 19.82 2.63 -10.02
C PRO B 431 19.00 3.76 -9.38
N SER B 432 18.47 3.54 -8.17
CA SER B 432 17.58 4.53 -7.56
C SER B 432 18.36 5.80 -7.26
N LEU B 433 19.61 5.63 -6.81
CA LEU B 433 20.42 6.78 -6.40
C LEU B 433 20.85 7.60 -7.62
N VAL B 434 20.42 8.89 -7.66
CA VAL B 434 20.61 9.79 -8.80
C VAL B 434 21.25 11.13 -8.42
N LEU B 435 21.28 11.49 -7.12
CA LEU B 435 21.80 12.80 -6.71
C LEU B 435 22.38 12.75 -5.31
N TRP B 436 23.58 13.37 -5.16
CA TRP B 436 24.26 13.57 -3.88
C TRP B 436 24.03 15.00 -3.38
N VAL B 437 23.57 15.12 -2.14
CA VAL B 437 23.43 16.40 -1.46
C VAL B 437 24.61 16.58 -0.50
N ASN B 438 25.59 17.42 -0.87
CA ASN B 438 26.83 17.47 -0.11
C ASN B 438 26.63 18.03 1.31
N GLN B 439 25.89 19.14 1.42
CA GLN B 439 25.82 19.94 2.63
C GLN B 439 24.41 20.54 2.67
N ASN B 440 23.98 20.88 3.88
CA ASN B 440 22.61 21.25 4.15
C ASN B 440 22.55 22.49 5.07
N GLU B 441 21.94 23.56 4.57
CA GLU B 441 21.59 24.75 5.34
C GLU B 441 22.79 25.33 6.10
N GLY B 442 23.98 25.17 5.54
CA GLY B 442 25.18 25.75 6.14
C GLY B 442 25.75 24.94 7.31
N TRP B 443 25.13 23.81 7.69
CA TRP B 443 25.56 23.08 8.87
C TRP B 443 26.96 22.50 8.67
N GLY B 444 27.92 22.95 9.51
CA GLY B 444 29.29 22.49 9.42
C GLY B 444 29.95 22.80 8.08
N GLN B 445 29.50 23.88 7.41
CA GLN B 445 29.84 24.04 6.00
C GLN B 445 31.29 24.52 5.78
N TYR B 446 31.88 24.05 4.68
CA TYR B 446 33.17 24.52 4.23
C TYR B 446 33.37 24.08 2.78
N ASP B 447 34.33 24.70 2.07
CA ASP B 447 34.77 24.30 0.74
C ASP B 447 33.62 23.88 -0.18
N GLN B 448 32.58 24.72 -0.28
CA GLN B 448 31.35 24.32 -0.95
C GLN B 448 31.60 24.01 -2.42
N ALA B 449 32.28 24.95 -3.13
CA ALA B 449 32.57 24.72 -4.54
C ALA B 449 33.56 23.56 -4.75
N ARG B 450 34.63 23.49 -3.95
CA ARG B 450 35.61 22.42 -4.14
C ARG B 450 34.96 21.03 -3.99
N LEU B 451 34.09 20.89 -2.98
CA LEU B 451 33.46 19.62 -2.68
C LEU B 451 32.43 19.26 -3.75
N ALA B 452 31.73 20.23 -4.32
CA ALA B 452 30.84 19.90 -5.46
C ALA B 452 31.63 19.36 -6.65
N ASP B 453 32.77 19.98 -6.96
CA ASP B 453 33.61 19.51 -8.05
C ASP B 453 34.18 18.12 -7.74
N LYS B 454 34.61 17.92 -6.49
CA LYS B 454 35.26 16.67 -6.07
C LYS B 454 34.29 15.50 -6.23
N VAL B 455 33.07 15.70 -5.71
CA VAL B 455 32.08 14.63 -5.75
C VAL B 455 31.67 14.36 -7.19
N LYS B 456 31.48 15.42 -7.97
CA LYS B 456 31.12 15.24 -9.37
C LYS B 456 32.19 14.49 -10.14
N ALA B 457 33.49 14.85 -9.95
CA ALA B 457 34.57 14.15 -10.64
C ALA B 457 34.60 12.69 -10.20
N TYR B 458 34.26 12.42 -8.93
CA TYR B 458 34.36 11.09 -8.35
C TYR B 458 33.18 10.21 -8.77
N ASP B 459 32.00 10.78 -9.04
CA ASP B 459 30.81 10.02 -9.42
C ASP B 459 30.05 10.82 -10.49
N PRO B 460 30.62 10.99 -11.72
CA PRO B 460 30.06 11.88 -12.73
C PRO B 460 28.71 11.44 -13.29
N THR B 461 28.29 10.20 -13.07
CA THR B 461 27.02 9.74 -13.61
C THR B 461 25.87 9.99 -12.64
N ARG B 462 26.15 10.66 -11.51
CA ARG B 462 25.13 11.15 -10.59
C ARG B 462 25.15 12.66 -10.62
N LEU B 463 24.00 13.26 -10.25
CA LEU B 463 23.91 14.69 -10.04
C LEU B 463 24.49 15.04 -8.67
N VAL B 464 24.91 16.32 -8.53
CA VAL B 464 25.48 16.81 -7.29
C VAL B 464 24.86 18.15 -6.94
N ASP B 465 24.55 18.30 -5.67
CA ASP B 465 24.01 19.51 -5.07
C ASP B 465 25.04 20.03 -4.07
N ASN B 466 25.59 21.22 -4.31
CA ASN B 466 26.72 21.68 -3.52
C ASN B 466 26.24 22.07 -2.14
N SER B 468 22.24 22.40 -0.03
CA SER B 468 20.78 22.39 -0.05
C SER B 468 20.32 23.56 0.83
N GLY B 469 19.51 24.47 0.28
CA GLY B 469 18.96 25.56 1.06
C GLY B 469 19.86 26.78 1.09
N VAL B 470 20.31 27.18 -0.11
CA VAL B 470 21.22 28.31 -0.26
C VAL B 470 20.55 29.62 0.15
N ASN B 471 19.23 29.61 0.31
CA ASN B 471 18.50 30.81 0.64
C ASN B 471 18.34 30.98 2.15
N CYS B 472 18.89 30.05 2.95
CA CYS B 472 18.60 29.95 4.37
C CYS B 472 19.78 30.29 5.26
N CYS B 473 19.45 30.77 6.46
CA CYS B 473 20.37 30.94 7.57
C CYS B 473 21.73 31.41 7.07
N GLY B 474 22.79 30.64 7.33
CA GLY B 474 24.12 31.11 6.97
C GLY B 474 24.69 30.34 5.79
N ALA B 475 23.84 29.62 5.05
CA ALA B 475 24.27 28.78 3.95
C ALA B 475 24.96 29.63 2.88
N VAL B 476 26.09 29.17 2.37
CA VAL B 476 26.79 29.85 1.31
C VAL B 476 26.76 28.93 0.09
N ASP B 477 26.38 29.48 -1.05
CA ASP B 477 26.31 28.71 -2.27
C ASP B 477 27.69 28.71 -2.92
N GLY B 478 28.24 27.54 -3.20
CA GLY B 478 29.48 27.47 -3.99
C GLY B 478 29.34 28.01 -5.41
N GLY B 479 28.12 27.98 -5.96
CA GLY B 479 27.77 28.51 -7.28
C GLY B 479 27.88 27.47 -8.39
N ASN B 480 28.33 26.25 -8.07
CA ASN B 480 28.53 25.19 -9.04
C ASN B 480 27.67 23.99 -8.64
N GLY B 481 28.09 22.78 -9.07
CA GLY B 481 27.23 21.62 -9.02
C GLY B 481 26.09 21.74 -10.00
N ASP B 482 25.09 20.86 -9.89
CA ASP B 482 24.09 20.71 -10.94
C ASP B 482 22.78 21.41 -10.62
N VAL B 483 22.55 21.79 -9.34
CA VAL B 483 21.28 22.40 -8.97
C VAL B 483 21.48 23.62 -8.07
N VAL B 484 20.53 24.54 -8.22
CA VAL B 484 20.31 25.58 -7.23
C VAL B 484 19.10 25.14 -6.41
N ASP B 485 19.34 25.00 -5.12
CA ASP B 485 18.44 24.31 -4.21
C ASP B 485 17.99 25.26 -3.11
N HIS B 486 16.67 25.57 -3.08
CA HIS B 486 16.11 26.44 -2.06
C HIS B 486 15.25 25.62 -1.11
N HIS B 487 15.16 26.06 0.15
CA HIS B 487 14.23 25.50 1.11
C HIS B 487 13.22 26.61 1.41
N VAL B 488 11.94 26.38 1.12
CA VAL B 488 10.96 27.44 1.29
C VAL B 488 9.74 26.90 2.06
N TYR B 489 9.46 27.43 3.25
CA TYR B 489 8.29 26.98 3.99
C TYR B 489 7.30 28.13 4.15
N VAL B 490 6.01 27.92 3.85
CA VAL B 490 5.45 26.67 3.34
C VAL B 490 5.80 26.45 1.87
N GLY B 491 6.02 27.55 1.15
CA GLY B 491 6.38 27.52 -0.27
C GLY B 491 5.17 27.67 -1.19
N PRO B 492 5.33 27.39 -2.50
CA PRO B 492 6.55 26.77 -3.05
C PRO B 492 7.75 27.65 -3.45
N GLY B 493 7.66 28.96 -3.25
CA GLY B 493 8.77 29.84 -3.53
C GLY B 493 8.92 30.18 -5.02
N THR B 494 10.07 30.74 -5.37
CA THR B 494 10.26 31.33 -6.68
C THR B 494 11.64 30.97 -7.25
N THR B 495 12.17 29.78 -6.91
CA THR B 495 13.44 29.32 -7.46
C THR B 495 13.36 29.23 -8.98
N VAL B 496 14.41 29.72 -9.64
CA VAL B 496 14.50 29.66 -11.10
C VAL B 496 15.83 29.03 -11.49
N PRO B 497 15.89 28.30 -12.63
CA PRO B 497 17.13 27.72 -13.12
C PRO B 497 18.00 28.76 -13.81
N SER B 498 19.26 28.39 -14.01
CA SER B 498 20.23 29.23 -14.71
C SER B 498 20.73 28.49 -15.95
N ALA B 499 21.67 29.11 -16.67
CA ALA B 499 22.31 28.48 -17.79
C ALA B 499 23.10 27.24 -17.41
N THR B 500 23.54 27.09 -16.15
CA THR B 500 24.41 25.99 -15.74
C THR B 500 23.73 25.04 -14.75
N ARG B 501 22.59 25.45 -14.15
CA ARG B 501 22.04 24.65 -13.06
C ARG B 501 20.54 24.56 -13.18
N ALA B 502 20.00 23.37 -12.92
CA ALA B 502 18.57 23.19 -12.72
C ALA B 502 18.15 23.72 -11.35
N ALA B 503 16.87 24.09 -11.27
CA ALA B 503 16.27 24.58 -10.03
C ALA B 503 15.51 23.48 -9.31
N VAL B 504 15.71 23.39 -8.01
CA VAL B 504 15.00 22.44 -7.17
C VAL B 504 14.56 23.10 -5.88
N LEU B 505 13.49 22.54 -5.31
CA LEU B 505 12.98 22.97 -4.02
C LEU B 505 13.30 21.83 -3.04
N GLY B 506 14.46 21.94 -2.38
CA GLY B 506 14.99 20.85 -1.59
C GLY B 506 14.23 20.59 -0.30
N GLU B 507 13.36 21.52 0.10
CA GLU B 507 12.44 21.32 1.22
C GLU B 507 11.31 22.33 1.05
N PHE B 508 10.07 21.90 1.29
CA PHE B 508 8.94 22.83 1.38
C PHE B 508 7.84 22.17 2.20
N GLY B 509 6.74 22.87 2.44
CA GLY B 509 5.59 22.25 3.07
C GLY B 509 5.57 22.40 4.59
N GLY B 510 5.77 21.28 5.27
CA GLY B 510 5.90 21.31 6.73
C GLY B 510 4.59 21.59 7.43
N LEU B 511 3.49 21.08 6.85
CA LEU B 511 2.13 21.25 7.34
C LEU B 511 1.87 20.31 8.52
N GLY B 512 1.46 20.88 9.65
CA GLY B 512 1.32 20.11 10.87
C GLY B 512 -0.09 19.60 11.11
N PHE B 513 -0.16 18.46 11.81
CA PHE B 513 -1.43 17.98 12.35
C PHE B 513 -1.15 16.92 13.41
N LYS B 514 -1.64 17.18 14.63
CA LYS B 514 -1.53 16.26 15.75
C LYS B 514 -2.69 15.27 15.72
N VAL B 515 -2.36 13.98 15.58
CA VAL B 515 -3.33 12.91 15.50
C VAL B 515 -3.49 12.29 16.89
N ALA B 516 -4.67 12.54 17.50
CA ALA B 516 -4.97 11.98 18.82
C ALA B 516 -4.64 10.50 18.88
N GLY B 517 -3.92 10.08 19.91
CA GLY B 517 -3.58 8.68 20.04
C GLY B 517 -2.34 8.27 19.24
N HIS B 518 -1.74 9.18 18.45
CA HIS B 518 -0.59 8.82 17.62
C HIS B 518 0.44 9.95 17.67
N GLU B 519 0.62 10.50 18.87
CA GLU B 519 1.57 11.57 19.16
C GLU B 519 2.67 11.02 20.07
N TRP B 520 3.94 11.26 19.70
CA TRP B 520 5.06 10.86 20.54
C TRP B 520 4.98 11.47 21.94
N TYR B 521 4.63 12.74 22.02
CA TYR B 521 4.36 13.41 23.28
C TYR B 521 3.05 14.19 23.12
N PRO B 522 1.92 13.69 23.69
CA PRO B 522 0.62 14.32 23.46
C PRO B 522 0.64 15.82 23.74
N GLY B 523 0.26 16.60 22.73
CA GLY B 523 0.19 18.04 22.84
C GLY B 523 1.52 18.71 22.51
N GLY B 524 2.60 17.95 22.26
CA GLY B 524 3.92 18.54 22.12
C GLY B 524 4.27 19.02 20.70
N GLY B 525 3.49 18.61 19.70
CA GLY B 525 3.91 18.77 18.30
C GLY B 525 3.93 20.23 17.83
N PHE B 526 4.84 20.54 16.90
CA PHE B 526 4.89 21.82 16.22
C PHE B 526 5.07 21.56 14.73
N SER B 527 4.90 22.59 13.92
CA SER B 527 5.11 22.50 12.48
C SER B 527 5.34 23.90 11.94
N TYR B 528 5.52 24.01 10.62
CA TYR B 528 5.67 25.33 10.02
C TYR B 528 4.32 25.98 9.79
N GLU B 529 3.24 25.20 9.68
CA GLU B 529 1.90 25.75 9.57
C GLU B 529 0.90 24.70 10.07
N ASP B 530 0.34 24.92 11.25
CA ASP B 530 -0.55 23.98 11.87
CA ASP B 530 -0.56 23.97 11.86
C ASP B 530 -1.89 24.00 11.10
N GLN B 531 -2.41 22.82 10.80
CA GLN B 531 -3.68 22.69 10.10
C GLN B 531 -4.78 22.40 11.12
N PRO B 532 -5.94 23.09 11.09
CA PRO B 532 -6.97 22.89 12.12
C PRO B 532 -7.76 21.60 11.97
N ASP B 533 -7.70 21.03 10.75
CA ASP B 533 -8.35 19.76 10.50
C ASP B 533 -7.78 19.13 9.24
N LEU B 534 -8.23 17.91 8.91
CA LEU B 534 -7.64 17.14 7.81
C LEU B 534 -8.09 17.68 6.47
N ALA B 535 -9.29 18.25 6.46
CA ALA B 535 -9.80 18.89 5.25
C ALA B 535 -8.85 20.00 4.84
N HIS B 536 -8.38 20.80 5.81
CA HIS B 536 -7.43 21.87 5.50
C HIS B 536 -6.09 21.31 5.01
N LEU B 537 -5.58 20.28 5.69
CA LEU B 537 -4.32 19.64 5.34
C LEU B 537 -4.37 19.15 3.88
N ASN B 538 -5.47 18.50 3.48
CA ASN B 538 -5.58 17.92 2.14
C ASN B 538 -5.63 19.05 1.10
N ASN B 539 -6.48 20.07 1.35
CA ASN B 539 -6.61 21.19 0.43
C ASN B 539 -5.27 21.93 0.34
N ARG B 540 -4.59 22.12 1.48
CA ARG B 540 -3.35 22.91 1.48
C ARG B 540 -2.27 22.19 0.66
N PHE B 541 -2.16 20.87 0.87
CA PHE B 541 -1.12 20.08 0.22
C PHE B 541 -1.35 19.94 -1.27
N VAL B 542 -2.59 19.59 -1.66
CA VAL B 542 -2.92 19.48 -3.06
C VAL B 542 -2.74 20.83 -3.76
N GLY B 543 -3.05 21.93 -3.09
CA GLY B 543 -2.87 23.25 -3.66
C GLY B 543 -1.40 23.59 -3.93
N LEU B 544 -0.50 23.10 -3.08
CA LEU B 544 0.94 23.32 -3.26
C LEU B 544 1.39 22.56 -4.51
N ILE B 545 0.93 21.31 -4.64
CA ILE B 545 1.37 20.48 -5.74
C ILE B 545 0.80 21.03 -7.05
N ASP B 546 -0.47 21.44 -7.04
CA ASP B 546 -1.07 22.10 -8.20
C ASP B 546 -0.33 23.40 -8.58
N ALA B 547 0.05 24.21 -7.60
CA ALA B 547 0.81 25.43 -7.89
C ALA B 547 2.17 25.12 -8.50
N ILE B 548 2.79 24.02 -8.05
CA ILE B 548 4.05 23.61 -8.66
C ILE B 548 3.80 23.20 -10.11
N ARG B 549 2.78 22.37 -10.36
CA ARG B 549 2.45 21.99 -11.73
C ARG B 549 2.12 23.17 -12.64
N GLU B 550 1.32 24.11 -12.14
CA GLU B 550 0.69 25.14 -12.96
C GLU B 550 1.60 26.34 -13.15
N VAL B 551 2.48 26.62 -12.18
CA VAL B 551 3.26 27.84 -12.24
C VAL B 551 4.77 27.60 -12.19
N ARG B 552 5.27 26.90 -11.16
CA ARG B 552 6.70 26.83 -10.91
C ARG B 552 7.41 25.90 -11.88
N PRO B 554 6.59 25.01 -15.05
CA PRO B 554 6.79 25.68 -16.33
C PRO B 554 7.82 26.81 -16.34
N ARG B 555 8.02 27.47 -15.20
CA ARG B 555 9.04 28.50 -15.08
C ARG B 555 10.44 27.92 -14.83
N GLY B 556 10.56 26.59 -14.63
CA GLY B 556 11.86 25.94 -14.61
C GLY B 556 12.17 25.16 -13.33
N LEU B 557 11.20 25.02 -12.41
CA LEU B 557 11.40 24.15 -11.27
C LEU B 557 11.34 22.69 -11.74
N SER B 558 12.31 21.86 -11.29
CA SER B 558 12.47 20.51 -11.80
C SER B 558 12.28 19.41 -10.74
N ALA B 559 12.24 19.80 -9.47
CA ALA B 559 12.05 18.87 -8.35
C ALA B 559 11.57 19.62 -7.12
N SER B 560 10.89 18.89 -6.23
CA SER B 560 10.39 19.39 -4.96
C SER B 560 10.45 18.26 -3.94
N VAL B 561 10.73 18.63 -2.71
CA VAL B 561 10.85 17.69 -1.59
C VAL B 561 9.92 18.12 -0.46
N HIS B 562 8.77 17.42 -0.34
CA HIS B 562 7.78 17.75 0.67
C HIS B 562 8.22 17.26 2.05
N THR B 563 8.33 18.16 3.03
CA THR B 563 8.61 17.82 4.41
C THR B 563 7.29 17.46 5.10
N GLU B 564 7.08 16.19 5.50
CA GLU B 564 7.96 15.04 5.38
C GLU B 564 7.09 13.79 5.38
N ILE B 565 7.72 12.63 5.17
CA ILE B 565 6.94 11.41 5.04
C ILE B 565 6.28 11.02 6.37
N THR B 566 7.01 11.08 7.50
CA THR B 566 6.42 10.77 8.82
C THR B 566 6.69 11.91 9.79
N ASP B 567 5.82 12.04 10.78
CA ASP B 567 6.16 12.82 11.98
C ASP B 567 7.45 12.23 12.55
N VAL B 568 8.30 13.05 13.19
CA VAL B 568 9.41 12.57 13.99
C VAL B 568 9.40 13.31 15.34
N GLU B 569 9.34 12.57 16.46
CA GLU B 569 9.27 13.19 17.78
C GLU B 569 8.16 14.23 17.77
N ASN B 570 8.48 15.49 18.11
CA ASN B 570 7.47 16.53 18.18
C ASN B 570 7.33 17.35 16.89
N GLU B 571 8.01 16.95 15.81
CA GLU B 571 7.73 17.54 14.51
C GLU B 571 6.59 16.77 13.84
N VAL B 572 5.39 17.35 13.83
CA VAL B 572 4.19 16.64 13.41
C VAL B 572 3.75 17.07 12.00
N ASN B 573 4.71 17.12 11.09
CA ASN B 573 4.44 17.51 9.71
C ASN B 573 4.58 16.34 8.73
N GLY B 574 4.42 15.12 9.24
CA GLY B 574 4.42 13.97 8.35
C GLY B 574 3.09 13.78 7.62
N LEU B 575 3.13 13.06 6.47
CA LEU B 575 1.92 12.56 5.85
C LEU B 575 1.41 11.36 6.63
N LEU B 576 2.33 10.69 7.36
CA LEU B 576 2.04 9.59 8.25
C LEU B 576 2.41 9.99 9.69
N THR B 577 1.81 9.30 10.68
CA THR B 577 2.23 9.46 12.07
C THR B 577 3.56 8.73 12.30
N TYR B 578 4.24 9.06 13.41
CA TYR B 578 5.59 8.57 13.70
C TYR B 578 5.58 7.06 13.92
N ASP B 579 4.42 6.53 14.35
CA ASP B 579 4.26 5.10 14.60
C ASP B 579 3.82 4.35 13.33
N ARG B 580 3.70 5.06 12.21
CA ARG B 580 3.28 4.52 10.93
C ARG B 580 1.87 3.92 10.97
N GLN B 581 1.06 4.23 12.01
CA GLN B 581 -0.27 3.65 12.13
C GLN B 581 -1.30 4.38 11.27
N VAL B 582 -1.08 5.66 10.98
CA VAL B 582 -2.10 6.51 10.40
C VAL B 582 -1.53 7.27 9.21
N VAL B 583 -2.22 7.17 8.07
CA VAL B 583 -1.99 8.06 6.93
C VAL B 583 -2.94 9.24 7.07
N LYS B 584 -2.37 10.45 7.20
CA LYS B 584 -3.18 11.61 7.54
C LYS B 584 -3.95 12.12 6.31
N VAL B 585 -3.37 11.94 5.12
CA VAL B 585 -3.89 12.62 3.95
C VAL B 585 -4.77 11.70 3.11
N ASP B 586 -5.49 12.33 2.19
CA ASP B 586 -6.37 11.64 1.26
C ASP B 586 -5.51 11.05 0.13
N GLU B 587 -5.35 9.73 0.11
CA GLU B 587 -4.33 9.10 -0.72
C GLU B 587 -4.64 9.33 -2.20
N ALA B 588 -5.91 9.19 -2.57
CA ALA B 588 -6.34 9.37 -3.96
C ALA B 588 -6.05 10.79 -4.47
N ARG B 589 -6.38 11.81 -3.66
CA ARG B 589 -6.18 13.18 -4.12
C ARG B 589 -4.69 13.51 -4.24
N VAL B 590 -3.88 13.06 -3.27
CA VAL B 590 -2.44 13.30 -3.28
C VAL B 590 -1.85 12.59 -4.51
N ARG B 591 -2.21 11.31 -4.72
CA ARG B 591 -1.72 10.57 -5.87
C ARG B 591 -2.09 11.28 -7.19
N ALA B 592 -3.36 11.73 -7.34
CA ALA B 592 -3.79 12.42 -8.54
C ALA B 592 -2.98 13.69 -8.78
N ALA B 593 -2.72 14.48 -7.73
CA ALA B 593 -1.95 15.72 -7.85
C ALA B 593 -0.52 15.45 -8.34
N ASN B 594 0.12 14.47 -7.69
CA ASN B 594 1.46 14.02 -8.09
C ASN B 594 1.46 13.48 -9.52
N ARG B 595 0.51 12.61 -9.85
CA ARG B 595 0.44 12.02 -11.19
C ARG B 595 0.28 13.11 -12.26
N ALA B 596 -0.58 14.10 -11.99
CA ALA B 596 -0.80 15.21 -12.91
C ALA B 596 0.48 16.05 -13.12
N LEU B 597 1.21 16.30 -12.03
CA LEU B 597 2.50 17.00 -12.08
C LEU B 597 3.52 16.21 -12.91
N ILE B 598 3.69 14.92 -12.63
CA ILE B 598 4.62 14.09 -13.40
C ILE B 598 4.24 14.10 -14.88
N ASP B 599 2.98 13.74 -15.18
CA ASP B 599 2.48 13.66 -16.55
C ASP B 599 2.69 14.99 -17.28
N ALA B 600 2.37 16.12 -16.63
CA ALA B 600 2.49 17.42 -17.28
C ALA B 600 3.95 17.73 -17.58
N SER B 601 4.87 17.32 -16.68
CA SER B 601 6.27 17.61 -16.87
C SER B 601 6.84 16.93 -18.11
N ARG B 602 6.23 15.81 -18.52
CA ARG B 602 6.72 15.08 -19.68
C ARG B 602 6.42 15.82 -20.99
N GLY B 603 5.47 16.77 -20.98
CA GLY B 603 5.32 17.76 -22.04
C GLY B 603 4.90 17.12 -23.35
#